data_4BKM
#
_entry.id   4BKM
#
_cell.length_a   67.500
_cell.length_b   91.960
_cell.length_c   105.920
_cell.angle_alpha   90.00
_cell.angle_beta   90.20
_cell.angle_gamma   90.00
#
_symmetry.space_group_name_H-M   'P 1 21 1'
#
loop_
_entity.id
_entity.type
_entity.pdbx_description
1 polymer 'PYRIDOXAL PHOSPHATE PHOSPHATASE, PHOSPHOGLYCOLATE PHOSPHATASE, PYRIDOXAL PHOSPHATE PHOSPHATASE'
2 non-polymer 'MAGNESIUM ION'
3 non-polymer 'NITRATE ION'
4 water water
#
_entity_poly.entity_id   1
_entity_poly.type   'polypeptide(L)'
_entity_poly.pdbx_seq_one_letter_code
;GAMGMARCERLRGAALRDVLGQAQGVLFDCDGVLWNGERIVPGAPELLQRLARAGKNTLFVSNNSRRARPELALRFARLG
FAGLRAEQLFSSALCAARLLRQRLAGVPDPKAYVLGSPALAAELEAVGVTSVGVGPDVLHGDGPSDWLAVPLEPDVRAVV
VGFDPHFSYMKLTKAVRYLQQPDCLLVGTNMDNRLPLENGRFIAGTGCLVRAVEMAAQRQADIIGKPSPYMFQCITEDFS
VDPARTLMVGDRLETDILFGHRCGMTTVLTLTGVSSLEEAQAYLTAGQRDLVPHYYVESIADLMEGLED
;
_entity_poly.pdbx_strand_id   A,B,C,D
#
# COMPACT_ATOMS: atom_id res chain seq x y z
N GLY A 4 -8.43 19.54 -0.92
CA GLY A 4 -7.10 19.10 -1.44
C GLY A 4 -7.24 18.27 -2.71
N MET A 5 -7.79 17.06 -2.56
CA MET A 5 -7.94 16.14 -3.68
C MET A 5 -6.61 15.85 -4.38
N ALA A 6 -5.62 15.38 -3.64
CA ALA A 6 -4.33 15.05 -4.24
C ALA A 6 -4.51 13.85 -5.19
N ARG A 7 -4.36 14.10 -6.49
CA ARG A 7 -4.55 13.05 -7.49
C ARG A 7 -3.23 12.57 -8.12
N CYS A 8 -2.10 13.08 -7.63
CA CYS A 8 -0.80 12.72 -8.18
C CYS A 8 -0.71 12.99 -9.68
N GLU A 9 -1.16 14.17 -10.10
CA GLU A 9 -1.13 14.54 -11.51
C GLU A 9 0.23 15.05 -11.97
N ARG A 10 0.61 14.69 -13.19
CA ARG A 10 1.82 15.23 -13.78
C ARG A 10 1.60 16.69 -14.08
N LEU A 11 2.52 17.54 -13.65
CA LEU A 11 2.33 18.97 -13.78
C LEU A 11 2.67 19.37 -15.21
N ARG A 12 1.61 19.71 -15.95
CA ARG A 12 1.63 19.90 -17.39
C ARG A 12 1.44 21.33 -17.87
N GLY A 13 1.84 21.59 -19.11
CA GLY A 13 1.54 22.82 -19.82
C GLY A 13 0.84 23.92 -19.04
N ALA A 14 -0.39 24.19 -19.43
CA ALA A 14 -1.18 25.29 -18.85
C ALA A 14 -1.26 25.16 -17.33
N ALA A 15 -1.56 23.96 -16.85
CA ALA A 15 -1.67 23.70 -15.41
C ALA A 15 -0.36 24.07 -14.71
N LEU A 16 0.77 23.76 -15.35
CA LEU A 16 2.07 24.09 -14.79
C LEU A 16 2.18 25.59 -14.73
N ARG A 17 1.67 26.26 -15.75
CA ARG A 17 1.64 27.71 -15.80
C ARG A 17 0.67 28.21 -14.72
N ASP A 18 -0.43 27.48 -14.54
CA ASP A 18 -1.46 27.87 -13.58
C ASP A 18 -0.91 27.94 -12.15
N VAL A 19 -0.57 26.78 -11.59
CA VAL A 19 -0.19 26.71 -10.17
C VAL A 19 1.09 27.46 -9.84
N LEU A 20 2.14 27.28 -10.65
CA LEU A 20 3.38 28.01 -10.42
C LEU A 20 3.16 29.50 -10.53
N GLY A 21 2.39 29.93 -11.52
CA GLY A 21 2.10 31.34 -11.71
C GLY A 21 1.46 31.95 -10.48
N GLN A 22 0.50 31.24 -9.90
CA GLN A 22 -0.21 31.69 -8.71
C GLN A 22 0.67 31.59 -7.47
N ALA A 23 1.66 30.70 -7.51
CA ALA A 23 2.51 30.44 -6.36
C ALA A 23 3.22 31.71 -5.90
N GLN A 24 3.05 32.05 -4.63
CA GLN A 24 3.75 33.18 -4.03
C GLN A 24 5.17 32.74 -3.64
N GLY A 25 5.34 31.45 -3.38
CA GLY A 25 6.63 30.93 -2.98
C GLY A 25 6.77 29.44 -3.23
N VAL A 26 8.01 28.98 -3.16
CA VAL A 26 8.34 27.58 -3.39
C VAL A 26 9.27 27.08 -2.30
N LEU A 27 8.98 25.89 -1.77
CA LEU A 27 9.76 25.30 -0.71
C LEU A 27 10.48 24.07 -1.26
N PHE A 28 11.80 24.03 -1.14
CA PHE A 28 12.58 22.94 -1.70
C PHE A 28 13.29 22.13 -0.62
N ASP A 29 13.14 20.81 -0.69
CA ASP A 29 14.08 19.90 -0.06
C ASP A 29 15.34 19.91 -0.95
N CYS A 30 16.51 19.65 -0.37
CA CYS A 30 17.74 19.74 -1.16
C CYS A 30 18.15 18.43 -1.83
N ASP A 31 18.37 17.39 -1.03
CA ASP A 31 18.87 16.13 -1.57
C ASP A 31 17.81 15.41 -2.36
N GLY A 32 18.16 15.06 -3.60
CA GLY A 32 17.26 14.36 -4.51
C GLY A 32 16.39 15.32 -5.31
N VAL A 33 16.58 16.62 -5.08
CA VAL A 33 15.75 17.63 -5.73
C VAL A 33 16.62 18.61 -6.51
N LEU A 34 17.59 19.23 -5.84
CA LEU A 34 18.52 20.12 -6.49
C LEU A 34 19.74 19.34 -6.95
N TRP A 35 20.03 18.23 -6.27
CA TRP A 35 21.22 17.45 -6.57
C TRP A 35 21.21 16.07 -5.93
N ASN A 36 22.02 15.18 -6.48
CA ASN A 36 22.31 13.88 -5.86
C ASN A 36 23.82 13.77 -5.65
N GLY A 37 24.25 13.97 -4.41
CA GLY A 37 25.67 14.05 -4.12
C GLY A 37 26.26 15.31 -4.70
N GLU A 38 27.45 15.22 -5.29
CA GLU A 38 28.10 16.38 -5.90
C GLU A 38 27.72 16.53 -7.38
N ARG A 39 26.93 15.59 -7.89
CA ARG A 39 26.41 15.66 -9.25
C ARG A 39 25.06 16.36 -9.16
N ILE A 40 24.93 17.52 -9.80
CA ILE A 40 23.72 18.34 -9.65
C ILE A 40 22.64 17.99 -10.65
N VAL A 41 21.38 18.26 -10.30
CA VAL A 41 20.28 18.05 -11.22
C VAL A 41 20.29 19.15 -12.28
N PRO A 42 20.41 18.76 -13.56
CA PRO A 42 20.48 19.72 -14.67
C PRO A 42 19.38 20.78 -14.62
N GLY A 43 19.79 22.04 -14.69
CA GLY A 43 18.84 23.14 -14.77
C GLY A 43 18.26 23.59 -13.44
N ALA A 44 18.71 22.99 -12.34
CA ALA A 44 18.19 23.40 -11.04
C ALA A 44 18.62 24.83 -10.72
N PRO A 45 19.92 25.15 -10.94
CA PRO A 45 20.38 26.53 -10.70
C PRO A 45 19.58 27.54 -11.51
N GLU A 46 19.31 27.20 -12.76
CA GLU A 46 18.54 28.09 -13.62
C GLU A 46 17.13 28.25 -13.08
N LEU A 47 16.55 27.19 -12.56
CA LEU A 47 15.20 27.25 -12.02
C LEU A 47 15.11 28.26 -10.89
N LEU A 48 16.07 28.20 -9.97
CA LEU A 48 16.07 29.09 -8.83
C LEU A 48 16.28 30.53 -9.27
N GLN A 49 17.26 30.75 -10.15
CA GLN A 49 17.50 32.08 -10.71
C GLN A 49 16.23 32.67 -11.28
N ARG A 50 15.52 31.85 -12.05
CA ARG A 50 14.34 32.28 -12.79
C ARG A 50 13.13 32.48 -11.87
N LEU A 51 13.08 31.71 -10.79
CA LEU A 51 12.04 31.88 -9.77
C LEU A 51 12.17 33.24 -9.09
N ALA A 52 13.41 33.65 -8.83
CA ALA A 52 13.68 34.92 -8.18
C ALA A 52 13.15 36.09 -8.99
N ARG A 53 13.47 36.11 -10.29
CA ARG A 53 13.06 37.20 -11.16
C ARG A 53 11.55 37.20 -11.36
N ALA A 54 10.94 36.05 -11.20
CA ALA A 54 9.48 35.95 -11.25
C ALA A 54 8.85 36.59 -10.01
N GLY A 55 9.68 36.90 -9.01
CA GLY A 55 9.20 37.54 -7.80
C GLY A 55 8.68 36.55 -6.78
N LYS A 56 9.18 35.32 -6.85
CA LYS A 56 8.75 34.26 -5.96
C LYS A 56 9.78 33.96 -4.88
N ASN A 57 9.32 33.90 -3.64
CA ASN A 57 10.17 33.55 -2.52
C ASN A 57 10.49 32.06 -2.55
N THR A 58 11.77 31.72 -2.55
CA THR A 58 12.19 30.33 -2.49
C THR A 58 12.91 30.06 -1.18
N LEU A 59 12.50 29.00 -0.50
CA LEU A 59 13.14 28.60 0.74
C LEU A 59 13.60 27.15 0.63
N PHE A 60 14.58 26.79 1.45
CA PHE A 60 15.16 25.46 1.37
C PHE A 60 15.16 24.81 2.76
N VAL A 61 14.64 23.59 2.81
CA VAL A 61 14.49 22.88 4.08
C VAL A 61 15.21 21.53 4.03
N SER A 62 15.90 21.20 5.13
CA SER A 62 16.72 20.00 5.19
C SER A 62 16.73 19.41 6.60
N ASN A 63 16.76 18.09 6.70
CA ASN A 63 16.82 17.42 8.00
C ASN A 63 18.26 17.23 8.51
N ASN A 64 19.23 17.74 7.77
CA ASN A 64 20.61 17.65 8.20
C ASN A 64 20.83 18.29 9.57
N SER A 65 21.67 17.66 10.39
CA SER A 65 21.99 18.20 11.70
C SER A 65 23.50 18.18 11.94
N ARG A 66 24.25 17.91 10.88
CA ARG A 66 25.70 17.80 10.95
C ARG A 66 26.41 19.06 10.43
N ARG A 67 25.69 19.86 9.65
CA ARG A 67 26.32 20.98 8.94
C ARG A 67 25.62 22.29 9.25
N ALA A 68 26.41 23.32 9.55
CA ALA A 68 25.87 24.60 9.99
C ALA A 68 25.37 25.42 8.80
N ARG A 69 24.68 26.52 9.09
CA ARG A 69 24.09 27.36 8.05
C ARG A 69 25.16 27.87 7.08
N PRO A 70 26.26 28.43 7.62
CA PRO A 70 27.35 28.93 6.76
C PRO A 70 27.85 27.84 5.81
N GLU A 71 28.23 26.69 6.36
CA GLU A 71 28.80 25.62 5.55
C GLU A 71 27.80 25.03 4.58
N LEU A 72 26.51 25.22 4.85
CA LEU A 72 25.47 24.77 3.93
C LEU A 72 25.35 25.77 2.78
N ALA A 73 25.38 27.06 3.10
CA ALA A 73 25.30 28.10 2.09
C ALA A 73 26.44 27.93 1.09
N LEU A 74 27.63 27.65 1.59
CA LEU A 74 28.78 27.46 0.72
C LEU A 74 28.54 26.32 -0.26
N ARG A 75 27.98 25.21 0.21
CA ARG A 75 27.72 24.08 -0.68
C ARG A 75 26.90 24.53 -1.89
N PHE A 76 25.87 25.33 -1.64
CA PHE A 76 25.05 25.84 -2.74
C PHE A 76 25.95 26.54 -3.74
N ALA A 77 26.84 27.38 -3.24
CA ALA A 77 27.78 28.11 -4.09
C ALA A 77 28.70 27.14 -4.85
N ARG A 78 29.24 26.16 -4.12
CA ARG A 78 30.18 25.20 -4.70
C ARG A 78 29.55 24.44 -5.85
N LEU A 79 28.25 24.19 -5.75
CA LEU A 79 27.52 23.38 -6.72
C LEU A 79 26.86 24.21 -7.83
N GLY A 80 27.19 25.50 -7.87
CA GLY A 80 26.73 26.35 -8.96
C GLY A 80 25.46 27.13 -8.68
N PHE A 81 25.07 27.19 -7.41
CA PHE A 81 23.91 27.98 -7.00
C PHE A 81 24.42 29.27 -6.37
N ALA A 82 24.21 30.39 -7.06
CA ALA A 82 24.77 31.67 -6.62
C ALA A 82 23.67 32.67 -6.24
N GLY A 83 24.04 33.69 -5.48
CA GLY A 83 23.11 34.74 -5.09
C GLY A 83 22.07 34.29 -4.08
N LEU A 84 22.43 33.30 -3.26
CA LEU A 84 21.49 32.71 -2.31
C LEU A 84 21.73 33.27 -0.90
N ARG A 85 20.67 33.72 -0.23
CA ARG A 85 20.80 34.22 1.13
C ARG A 85 20.73 33.07 2.14
N ALA A 86 21.57 33.15 3.17
CA ALA A 86 21.58 32.13 4.22
C ALA A 86 20.25 32.11 4.97
N GLU A 87 19.56 33.25 4.97
CA GLU A 87 18.27 33.37 5.64
C GLU A 87 17.21 32.45 5.04
N GLN A 88 17.48 31.96 3.84
CA GLN A 88 16.57 31.06 3.15
C GLN A 88 16.80 29.60 3.57
N LEU A 89 17.86 29.37 4.33
CA LEU A 89 18.26 28.02 4.71
C LEU A 89 17.71 27.62 6.08
N PHE A 90 17.03 26.48 6.11
CA PHE A 90 16.48 25.93 7.34
C PHE A 90 16.86 24.46 7.47
N SER A 91 17.72 24.16 8.43
CA SER A 91 18.09 22.78 8.74
C SER A 91 17.43 22.33 10.04
N SER A 92 17.41 21.03 10.28
CA SER A 92 16.84 20.50 11.51
C SER A 92 17.61 21.04 12.72
N ALA A 93 18.93 21.22 12.56
CA ALA A 93 19.76 21.75 13.64
C ALA A 93 19.40 23.18 13.96
N LEU A 94 19.22 24.00 12.94
CA LEU A 94 18.84 25.40 13.15
C LEU A 94 17.51 25.46 13.86
N CYS A 95 16.51 24.76 13.34
CA CYS A 95 15.18 24.82 13.89
C CYS A 95 15.11 24.19 15.28
N ALA A 96 16.02 23.27 15.56
CA ALA A 96 16.13 22.71 16.90
C ALA A 96 16.51 23.81 17.87
N ALA A 97 17.50 24.60 17.47
CA ALA A 97 17.93 25.75 18.27
C ALA A 97 16.79 26.75 18.45
N ARG A 98 16.04 26.97 17.38
CA ARG A 98 14.91 27.89 17.42
C ARG A 98 13.83 27.38 18.38
N LEU A 99 13.66 26.06 18.44
CA LEU A 99 12.67 25.48 19.33
C LEU A 99 13.07 25.77 20.78
N LEU A 100 14.31 25.42 21.11
CA LEU A 100 14.83 25.63 22.46
C LEU A 100 14.75 27.10 22.86
N ARG A 101 15.03 27.98 21.90
CA ARG A 101 14.93 29.42 22.13
C ARG A 101 13.56 29.81 22.67
N GLN A 102 12.52 29.30 22.02
CA GLN A 102 11.14 29.63 22.38
C GLN A 102 10.74 28.97 23.70
N ARG A 103 11.16 27.72 23.87
CA ARG A 103 10.76 26.93 25.04
C ARG A 103 11.54 27.29 26.30
N LEU A 104 12.84 27.55 26.15
CA LEU A 104 13.68 27.95 27.27
C LEU A 104 13.72 29.47 27.35
N ALA A 105 12.59 30.08 27.00
CA ALA A 105 12.51 31.53 26.88
C ALA A 105 13.07 32.24 28.10
N GLY A 106 12.35 32.17 29.22
CA GLY A 106 12.72 32.94 30.40
C GLY A 106 13.70 32.26 31.34
N VAL A 107 14.53 31.37 30.80
CA VAL A 107 15.55 30.70 31.61
C VAL A 107 16.94 31.28 31.37
N PRO A 108 17.66 31.61 32.46
CA PRO A 108 19.02 32.15 32.36
C PRO A 108 20.08 31.06 32.23
N ASP A 109 21.08 31.28 31.39
CA ASP A 109 22.14 30.30 31.16
C ASP A 109 21.59 28.92 30.88
N PRO A 110 20.69 28.83 29.87
CA PRO A 110 20.07 27.56 29.49
C PRO A 110 21.08 26.57 28.93
N LYS A 111 21.05 25.33 29.39
CA LYS A 111 21.96 24.30 28.91
C LYS A 111 21.21 23.12 28.35
N ALA A 112 21.80 22.47 27.37
CA ALA A 112 21.24 21.28 26.79
C ALA A 112 22.30 20.20 26.70
N TYR A 113 21.91 18.97 26.96
CA TYR A 113 22.79 17.85 26.69
C TYR A 113 22.56 17.44 25.25
N VAL A 114 23.63 17.41 24.47
CA VAL A 114 23.49 17.24 23.04
C VAL A 114 24.17 15.97 22.57
N LEU A 115 23.36 15.02 22.14
CA LEU A 115 23.86 13.84 21.44
C LEU A 115 23.79 14.20 19.97
N GLY A 116 24.80 14.91 19.50
CA GLY A 116 24.80 15.40 18.15
C GLY A 116 26.11 16.00 17.75
N SER A 117 26.07 16.81 16.69
CA SER A 117 27.26 17.32 16.04
C SER A 117 27.74 18.65 16.62
N PRO A 118 29.01 19.00 16.35
CA PRO A 118 29.56 20.31 16.66
C PRO A 118 28.74 21.41 16.00
N ALA A 119 28.18 21.09 14.83
CA ALA A 119 27.31 22.01 14.13
C ALA A 119 26.05 22.26 14.93
N LEU A 120 25.39 21.18 15.35
CA LEU A 120 24.19 21.28 16.17
C LEU A 120 24.46 22.10 17.43
N ALA A 121 25.61 21.85 18.05
CA ALA A 121 26.01 22.57 19.25
C ALA A 121 26.12 24.06 18.95
N ALA A 122 26.71 24.37 17.80
CA ALA A 122 26.91 25.76 17.37
C ALA A 122 25.58 26.48 17.20
N GLU A 123 24.61 25.80 16.59
CA GLU A 123 23.29 26.39 16.37
C GLU A 123 22.64 26.72 17.70
N LEU A 124 22.89 25.87 18.70
CA LEU A 124 22.40 26.10 20.06
C LEU A 124 23.16 27.24 20.73
N GLU A 125 24.47 27.23 20.56
CA GLU A 125 25.35 28.20 21.21
C GLU A 125 25.14 29.59 20.62
N ALA A 126 24.66 29.63 19.38
CA ALA A 126 24.36 30.89 18.70
C ALA A 126 23.02 31.47 19.16
N VAL A 127 22.16 30.61 19.69
CA VAL A 127 20.83 31.03 20.11
C VAL A 127 20.81 31.30 21.63
N GLY A 128 21.96 31.15 22.28
CA GLY A 128 22.09 31.46 23.69
C GLY A 128 22.07 30.25 24.60
N VAL A 129 21.91 29.07 24.01
CA VAL A 129 21.89 27.83 24.77
C VAL A 129 23.25 27.15 24.80
N THR A 130 23.79 26.97 26.00
CA THR A 130 25.05 26.25 26.14
C THR A 130 24.83 24.78 25.91
N SER A 131 25.88 24.09 25.45
CA SER A 131 25.77 22.67 25.10
C SER A 131 26.94 21.88 25.67
N VAL A 132 26.66 20.63 26.04
CA VAL A 132 27.69 19.70 26.45
C VAL A 132 27.24 18.30 26.04
N GLY A 133 28.20 17.40 25.89
CA GLY A 133 27.90 16.02 25.56
C GLY A 133 28.37 15.67 24.16
N VAL A 134 28.63 16.68 23.36
CA VAL A 134 29.17 16.49 22.02
C VAL A 134 30.53 15.84 22.12
N GLY A 135 30.81 14.90 21.20
CA GLY A 135 32.09 14.22 21.20
C GLY A 135 31.98 12.81 21.75
N PRO A 136 33.12 12.14 21.89
CA PRO A 136 33.13 10.78 22.44
C PRO A 136 32.79 10.75 23.92
N ASP A 137 31.95 9.80 24.32
CA ASP A 137 31.70 9.55 25.73
C ASP A 137 31.81 8.06 25.96
N VAL A 138 33.05 7.57 26.06
CA VAL A 138 33.29 6.15 26.22
C VAL A 138 32.82 5.66 27.58
N LEU A 139 32.34 4.41 27.61
CA LEU A 139 31.80 3.84 28.84
C LEU A 139 32.87 3.21 29.70
N HIS A 140 33.13 3.81 30.86
CA HIS A 140 34.01 3.22 31.85
C HIS A 140 33.22 2.83 33.09
N GLY A 141 33.78 1.89 33.86
CA GLY A 141 33.11 1.39 35.05
C GLY A 141 32.79 -0.09 34.92
N ASP A 142 32.62 -0.73 36.07
CA ASP A 142 32.36 -2.16 36.11
C ASP A 142 30.91 -2.43 35.76
N GLY A 143 30.00 -1.84 36.52
CA GLY A 143 28.58 -2.09 36.34
C GLY A 143 27.76 -0.83 36.55
N PRO A 144 26.44 -0.99 36.59
CA PRO A 144 25.44 0.09 36.71
C PRO A 144 25.75 1.09 37.81
N SER A 145 26.09 0.61 39.00
CA SER A 145 26.34 1.50 40.13
C SER A 145 27.44 2.52 39.80
N ASP A 146 28.39 2.12 38.98
CA ASP A 146 29.46 3.02 38.57
C ASP A 146 28.97 4.01 37.51
N TRP A 147 28.19 3.51 36.55
CA TRP A 147 27.68 4.33 35.46
C TRP A 147 26.74 5.42 35.95
N LEU A 148 25.95 5.10 36.95
CA LEU A 148 24.91 6.01 37.43
C LEU A 148 25.43 7.01 38.46
N ALA A 149 26.67 6.82 38.90
CA ALA A 149 27.28 7.71 39.88
C ALA A 149 28.15 8.75 39.19
N VAL A 150 28.21 8.68 37.86
CA VAL A 150 28.96 9.64 37.07
C VAL A 150 28.28 11.00 37.20
N PRO A 151 29.03 12.03 37.62
CA PRO A 151 28.46 13.37 37.79
C PRO A 151 28.08 14.05 36.49
N LEU A 152 26.86 14.60 36.44
CA LEU A 152 26.36 15.32 35.27
C LEU A 152 26.35 16.81 35.51
N GLU A 153 25.94 17.57 34.49
CA GLU A 153 25.83 19.01 34.59
C GLU A 153 24.47 19.38 35.15
N PRO A 154 24.45 20.15 36.25
CA PRO A 154 23.20 20.42 36.98
C PRO A 154 22.22 21.33 36.23
N ASP A 155 22.73 22.23 35.39
CA ASP A 155 21.87 23.22 34.75
C ASP A 155 21.22 22.76 33.43
N VAL A 156 21.50 21.52 33.02
CA VAL A 156 20.94 20.99 31.77
C VAL A 156 19.42 21.02 31.83
N ARG A 157 18.80 21.68 30.85
CA ARG A 157 17.35 21.80 30.82
C ARG A 157 16.74 21.22 29.55
N ALA A 158 17.55 20.52 28.76
CA ALA A 158 17.06 19.87 27.56
C ALA A 158 18.01 18.80 27.06
N VAL A 159 17.45 17.72 26.54
CA VAL A 159 18.24 16.71 25.84
C VAL A 159 17.96 16.84 24.36
N VAL A 160 19.02 17.05 23.58
CA VAL A 160 18.86 17.21 22.14
C VAL A 160 19.56 16.07 21.41
N VAL A 161 18.77 15.25 20.73
CA VAL A 161 19.31 14.14 19.96
C VAL A 161 19.37 14.51 18.49
N GLY A 162 20.59 14.69 17.98
CA GLY A 162 20.80 14.86 16.56
C GLY A 162 21.51 13.64 16.01
N PHE A 163 22.21 13.80 14.90
CA PHE A 163 23.02 12.71 14.39
C PHE A 163 24.31 12.70 15.19
N ASP A 164 24.64 11.55 15.76
CA ASP A 164 25.80 11.46 16.65
C ASP A 164 26.51 10.14 16.46
N PRO A 165 27.66 10.16 15.76
CA PRO A 165 28.44 8.94 15.55
C PRO A 165 29.15 8.49 16.81
N HIS A 166 29.08 9.30 17.87
CA HIS A 166 29.66 8.93 19.17
C HIS A 166 28.60 8.42 20.15
N PHE A 167 27.40 8.18 19.63
CA PHE A 167 26.33 7.63 20.45
C PHE A 167 26.81 6.38 21.15
N SER A 168 26.63 6.33 22.47
CA SER A 168 27.05 5.18 23.24
C SER A 168 26.03 4.89 24.33
N TYR A 169 26.17 3.75 24.98
CA TYR A 169 25.27 3.41 26.07
C TYR A 169 25.42 4.41 27.21
N MET A 170 26.62 4.95 27.35
CA MET A 170 26.87 5.97 28.36
C MET A 170 26.07 7.24 28.06
N LYS A 171 26.07 7.67 26.81
CA LYS A 171 25.31 8.86 26.42
C LYS A 171 23.82 8.58 26.61
N LEU A 172 23.41 7.37 26.29
CA LEU A 172 22.02 6.96 26.46
C LEU A 172 21.67 7.02 27.94
N THR A 173 22.60 6.59 28.78
CA THR A 173 22.37 6.58 30.22
C THR A 173 22.26 8.00 30.75
N LYS A 174 23.21 8.85 30.36
CA LYS A 174 23.21 10.24 30.80
C LYS A 174 21.90 10.91 30.40
N ALA A 175 21.50 10.68 29.15
CA ALA A 175 20.29 11.29 28.60
C ALA A 175 19.08 10.89 29.42
N VAL A 176 18.98 9.61 29.73
CA VAL A 176 17.86 9.10 30.52
C VAL A 176 17.85 9.73 31.92
N ARG A 177 19.02 9.86 32.53
CA ARG A 177 19.13 10.46 33.86
C ARG A 177 18.67 11.91 33.85
N TYR A 178 19.12 12.66 32.85
CA TYR A 178 18.69 14.05 32.71
C TYR A 178 17.18 14.12 32.58
N LEU A 179 16.60 13.15 31.89
CA LEU A 179 15.17 13.16 31.59
C LEU A 179 14.34 12.66 32.77
N GLN A 180 14.99 12.25 33.86
CA GLN A 180 14.25 11.89 35.06
C GLN A 180 13.58 13.10 35.67
N GLN A 181 14.17 14.27 35.46
CA GLN A 181 13.51 15.53 35.77
C GLN A 181 12.50 15.84 34.68
N PRO A 182 11.20 15.78 35.01
CA PRO A 182 10.16 15.95 33.98
C PRO A 182 10.21 17.29 33.25
N ASP A 183 10.62 18.35 33.94
CA ASP A 183 10.72 19.67 33.32
C ASP A 183 11.70 19.67 32.18
N CYS A 184 12.64 18.73 32.20
CA CYS A 184 13.63 18.62 31.15
C CYS A 184 12.96 18.29 29.83
N LEU A 185 13.48 18.84 28.74
CA LEU A 185 12.89 18.66 27.43
C LEU A 185 13.63 17.58 26.67
N LEU A 186 12.91 16.88 25.79
CA LEU A 186 13.54 15.94 24.90
C LEU A 186 13.23 16.35 23.47
N VAL A 187 14.30 16.64 22.72
CA VAL A 187 14.17 17.12 21.37
C VAL A 187 14.93 16.21 20.41
N GLY A 188 14.28 15.85 19.31
CA GLY A 188 14.93 15.09 18.25
C GLY A 188 15.00 15.89 16.97
N THR A 189 16.19 16.04 16.41
CA THR A 189 16.36 16.84 15.21
C THR A 189 15.58 16.25 14.04
N ASN A 190 15.59 14.93 13.95
CA ASN A 190 14.81 14.23 12.92
C ASN A 190 14.67 12.75 13.24
N MET A 191 13.66 12.13 12.64
CA MET A 191 13.33 10.74 12.92
C MET A 191 13.69 9.79 11.77
N ASP A 192 14.58 10.25 10.88
CA ASP A 192 14.95 9.45 9.73
C ASP A 192 15.69 8.22 10.18
N ASN A 193 15.29 7.06 9.67
CA ASN A 193 15.92 5.81 10.05
C ASN A 193 17.29 5.62 9.38
N ARG A 194 17.50 6.27 8.25
CA ARG A 194 18.76 6.12 7.52
C ARG A 194 19.34 7.45 7.03
N LEU A 195 20.66 7.55 7.04
CA LEU A 195 21.38 8.69 6.51
C LEU A 195 22.01 8.39 5.16
N PRO A 196 21.47 8.95 4.07
CA PRO A 196 22.05 8.73 2.74
C PRO A 196 23.47 9.25 2.60
N LEU A 197 24.31 8.49 1.91
CA LEU A 197 25.68 8.91 1.67
C LEU A 197 25.77 9.16 0.17
N GLU A 198 26.83 9.81 -0.30
CA GLU A 198 26.83 10.29 -1.69
C GLU A 198 26.57 9.21 -2.75
N ASN A 199 27.24 8.07 -2.69
CA ASN A 199 27.15 7.10 -3.78
C ASN A 199 26.08 6.04 -3.56
N GLY A 200 24.98 6.45 -2.94
CA GLY A 200 23.85 5.56 -2.74
C GLY A 200 23.94 4.70 -1.49
N ARG A 201 25.06 4.72 -0.79
CA ARG A 201 25.16 3.98 0.46
C ARG A 201 24.44 4.72 1.58
N PHE A 202 24.43 4.13 2.76
CA PHE A 202 23.79 4.75 3.91
C PHE A 202 24.35 4.21 5.22
N ILE A 203 24.02 4.90 6.30
CA ILE A 203 24.34 4.44 7.63
C ILE A 203 23.15 4.74 8.53
N ALA A 204 23.17 4.26 9.76
CA ALA A 204 22.05 4.42 10.67
C ALA A 204 21.66 5.89 10.79
N GLY A 205 20.36 6.16 10.74
CA GLY A 205 19.84 7.53 10.82
C GLY A 205 19.52 7.99 12.23
N THR A 206 19.46 9.31 12.40
CA THR A 206 19.25 9.94 13.69
C THR A 206 18.05 9.34 14.45
N GLY A 207 17.00 8.98 13.72
CA GLY A 207 15.80 8.42 14.33
C GLY A 207 16.05 7.15 15.14
N CYS A 208 17.13 6.44 14.82
CA CYS A 208 17.50 5.24 15.56
C CYS A 208 17.97 5.62 16.95
N LEU A 209 18.72 6.72 17.03
CA LEU A 209 19.24 7.22 18.29
C LEU A 209 18.12 7.83 19.11
N VAL A 210 17.22 8.53 18.43
CA VAL A 210 16.11 9.21 19.07
C VAL A 210 15.17 8.19 19.69
N ARG A 211 14.83 7.16 18.92
CA ARG A 211 13.90 6.14 19.39
C ARG A 211 14.42 5.41 20.63
N ALA A 212 15.73 5.20 20.69
CA ALA A 212 16.35 4.54 21.84
C ALA A 212 16.18 5.36 23.12
N VAL A 213 16.46 6.66 23.03
CA VAL A 213 16.33 7.54 24.18
C VAL A 213 14.86 7.61 24.61
N GLU A 214 13.96 7.69 23.64
CA GLU A 214 12.53 7.73 23.93
C GLU A 214 12.10 6.51 24.71
N MET A 215 12.53 5.34 24.25
CA MET A 215 12.16 4.07 24.87
C MET A 215 12.67 3.99 26.30
N ALA A 216 13.97 4.21 26.47
CA ALA A 216 14.59 4.15 27.78
C ALA A 216 13.96 5.18 28.71
N ALA A 217 13.80 6.40 28.21
CA ALA A 217 13.25 7.51 28.99
C ALA A 217 11.72 7.49 29.01
N GLN A 218 11.13 6.58 28.24
CA GLN A 218 9.68 6.52 28.13
C GLN A 218 9.12 7.91 27.88
N ARG A 219 9.57 8.52 26.80
CA ARG A 219 9.16 9.87 26.45
C ARG A 219 8.77 10.02 25.00
N GLN A 220 7.92 11.01 24.76
CA GLN A 220 7.56 11.44 23.42
C GLN A 220 8.47 12.61 23.06
N ALA A 221 9.47 12.37 22.22
CA ALA A 221 10.39 13.43 21.85
C ALA A 221 9.72 14.44 20.93
N ASP A 222 10.09 15.71 21.05
CA ASP A 222 9.66 16.72 20.10
C ASP A 222 10.55 16.66 18.86
N ILE A 223 9.93 16.40 17.72
CA ILE A 223 10.67 16.27 16.47
C ILE A 223 10.66 17.57 15.68
N ILE A 224 11.81 17.96 15.15
CA ILE A 224 11.91 19.19 14.37
C ILE A 224 11.75 18.94 12.88
N GLY A 225 12.60 18.09 12.32
CA GLY A 225 12.68 17.94 10.88
C GLY A 225 11.46 17.30 10.25
N LYS A 226 11.37 17.40 8.92
CA LYS A 226 10.27 16.81 8.17
C LYS A 226 10.18 15.33 8.49
N PRO A 227 8.95 14.78 8.52
CA PRO A 227 7.69 15.47 8.24
C PRO A 227 7.06 16.16 9.45
N SER A 228 7.85 16.51 10.46
CA SER A 228 7.30 17.20 11.61
C SER A 228 6.89 18.61 11.23
N PRO A 229 5.62 18.96 11.48
CA PRO A 229 5.12 20.29 11.15
C PRO A 229 5.95 21.43 11.73
N TYR A 230 6.80 21.15 12.71
CA TYR A 230 7.53 22.23 13.36
C TYR A 230 8.46 23.00 12.42
N MET A 231 8.99 22.31 11.42
CA MET A 231 9.85 22.95 10.43
C MET A 231 9.13 24.15 9.85
N PHE A 232 7.84 24.01 9.61
CA PHE A 232 7.06 25.10 9.03
C PHE A 232 6.96 26.25 10.02
N GLN A 233 6.63 25.94 11.27
CA GLN A 233 6.60 26.94 12.34
C GLN A 233 7.94 27.66 12.42
N CYS A 234 9.02 26.88 12.35
CA CYS A 234 10.36 27.45 12.38
C CYS A 234 10.50 28.49 11.27
N ILE A 235 9.92 28.16 10.12
CA ILE A 235 9.98 29.03 8.94
C ILE A 235 9.05 30.23 9.07
N THR A 236 7.82 30.01 9.50
CA THR A 236 6.83 31.09 9.52
C THR A 236 7.15 32.17 10.55
N GLU A 237 8.07 31.86 11.46
CA GLU A 237 8.56 32.86 12.40
C GLU A 237 9.45 33.86 11.68
N ASP A 238 10.09 33.42 10.61
CA ASP A 238 11.06 34.22 9.90
C ASP A 238 10.46 34.83 8.63
N PHE A 239 9.66 34.03 7.93
CA PHE A 239 9.06 34.45 6.66
C PHE A 239 7.54 34.35 6.72
N SER A 240 6.86 35.24 6.02
CA SER A 240 5.41 35.16 5.89
C SER A 240 5.05 34.19 4.77
N VAL A 241 4.60 33.00 5.14
CA VAL A 241 4.33 31.95 4.17
C VAL A 241 2.89 31.48 4.20
N ASP A 242 2.12 31.85 3.18
CA ASP A 242 0.76 31.36 3.00
C ASP A 242 0.79 29.96 2.37
N PRO A 243 0.54 28.91 3.17
CA PRO A 243 0.66 27.56 2.62
C PRO A 243 -0.23 27.33 1.40
N ALA A 244 -1.34 28.05 1.30
CA ALA A 244 -2.27 27.90 0.18
C ALA A 244 -1.64 28.38 -1.14
N ARG A 245 -0.66 29.27 -1.04
CA ARG A 245 0.04 29.80 -2.21
C ARG A 245 1.51 29.44 -2.20
N THR A 246 1.86 28.36 -1.49
CA THR A 246 3.25 27.93 -1.39
C THR A 246 3.37 26.47 -1.80
N LEU A 247 4.33 26.18 -2.67
CA LEU A 247 4.55 24.82 -3.14
C LEU A 247 5.65 24.15 -2.35
N MET A 248 5.40 22.93 -1.92
CA MET A 248 6.42 22.11 -1.29
C MET A 248 6.95 21.11 -2.32
N VAL A 249 8.25 21.19 -2.59
CA VAL A 249 8.87 20.34 -3.60
C VAL A 249 9.90 19.44 -2.94
N GLY A 250 9.73 18.14 -3.11
CA GLY A 250 10.63 17.17 -2.52
C GLY A 250 10.68 15.89 -3.32
N ASP A 251 11.68 15.06 -3.03
CA ASP A 251 11.83 13.79 -3.71
C ASP A 251 11.20 12.63 -2.94
N ARG A 252 11.13 12.73 -1.61
CA ARG A 252 10.62 11.61 -0.81
C ARG A 252 9.19 11.85 -0.33
N LEU A 253 8.37 10.80 -0.42
CA LEU A 253 6.95 10.89 -0.11
C LEU A 253 6.69 10.95 1.38
N GLU A 254 7.47 10.16 2.13
CA GLU A 254 7.21 9.98 3.55
C GLU A 254 7.73 11.14 4.40
N THR A 255 8.57 11.99 3.82
CA THR A 255 9.09 13.15 4.55
C THR A 255 8.57 14.45 3.95
N ASP A 256 8.88 14.69 2.68
CA ASP A 256 8.59 15.97 2.05
C ASP A 256 7.10 16.15 1.77
N ILE A 257 6.49 15.14 1.17
CA ILE A 257 5.10 15.23 0.76
C ILE A 257 4.18 15.24 1.98
N LEU A 258 4.42 14.31 2.91
CA LEU A 258 3.65 14.27 4.14
C LEU A 258 3.75 15.62 4.86
N PHE A 259 4.93 16.22 4.81
CA PHE A 259 5.16 17.52 5.42
C PHE A 259 4.27 18.56 4.77
N GLY A 260 4.21 18.54 3.44
CA GLY A 260 3.38 19.45 2.71
C GLY A 260 1.93 19.35 3.13
N HIS A 261 1.41 18.13 3.18
CA HIS A 261 0.01 17.91 3.56
C HIS A 261 -0.27 18.42 4.97
N ARG A 262 0.67 18.16 5.89
CA ARG A 262 0.50 18.58 7.27
C ARG A 262 0.55 20.10 7.38
N CYS A 263 1.24 20.73 6.44
CA CYS A 263 1.39 22.18 6.46
C CYS A 263 0.39 22.88 5.56
N GLY A 264 -0.31 22.12 4.74
CA GLY A 264 -1.35 22.65 3.85
C GLY A 264 -0.79 23.26 2.57
N MET A 265 0.44 22.90 2.23
CA MET A 265 1.04 23.36 1.00
C MET A 265 0.71 22.41 -0.14
N THR A 266 0.66 22.94 -1.35
CA THR A 266 0.53 22.12 -2.53
C THR A 266 1.85 21.40 -2.74
N THR A 267 1.80 20.07 -2.79
CA THR A 267 3.00 19.26 -2.80
C THR A 267 3.33 18.80 -4.21
N VAL A 268 4.63 18.79 -4.52
CA VAL A 268 5.08 18.37 -5.84
C VAL A 268 6.21 17.38 -5.67
N LEU A 269 5.98 16.15 -6.12
CA LEU A 269 7.01 15.11 -6.07
C LEU A 269 7.88 15.21 -7.31
N THR A 270 9.19 15.31 -7.10
CA THR A 270 10.13 15.25 -8.21
C THR A 270 10.72 13.84 -8.26
N LEU A 271 10.87 13.30 -9.47
CA LEU A 271 11.24 11.90 -9.64
C LEU A 271 12.75 11.69 -9.78
N THR A 272 13.54 12.70 -9.42
CA THR A 272 14.99 12.59 -9.49
C THR A 272 15.59 12.04 -8.19
N GLY A 273 14.74 11.59 -7.27
CA GLY A 273 15.21 11.18 -5.96
C GLY A 273 14.73 9.82 -5.47
N VAL A 274 14.53 9.73 -4.16
CA VAL A 274 14.30 8.46 -3.48
C VAL A 274 12.98 7.80 -3.91
N SER A 275 11.88 8.52 -3.83
CA SER A 275 10.58 7.94 -4.10
C SER A 275 10.37 7.77 -5.60
N SER A 276 9.54 6.81 -5.96
CA SER A 276 9.24 6.54 -7.36
C SER A 276 7.76 6.82 -7.60
N LEU A 277 7.41 7.02 -8.87
CA LEU A 277 6.04 7.28 -9.22
C LEU A 277 5.18 6.09 -8.79
N GLU A 278 5.76 4.90 -8.86
CA GLU A 278 5.06 3.67 -8.47
C GLU A 278 4.53 3.78 -7.05
N GLU A 279 5.39 4.26 -6.16
CA GLU A 279 5.05 4.35 -4.74
C GLU A 279 3.96 5.39 -4.52
N ALA A 280 4.04 6.50 -5.25
CA ALA A 280 3.07 7.58 -5.15
C ALA A 280 1.68 7.11 -5.54
N GLN A 281 1.58 6.39 -6.66
CA GLN A 281 0.30 5.88 -7.13
C GLN A 281 -0.19 4.79 -6.18
N ALA A 282 0.74 4.08 -5.56
CA ALA A 282 0.42 3.04 -4.59
C ALA A 282 -0.30 3.62 -3.38
N TYR A 283 0.19 4.75 -2.87
CA TYR A 283 -0.46 5.42 -1.75
C TYR A 283 -1.83 5.93 -2.15
N LEU A 284 -1.94 6.44 -3.38
CA LEU A 284 -3.20 6.98 -3.87
C LEU A 284 -4.28 5.90 -3.92
N THR A 285 -3.91 4.74 -4.43
CA THR A 285 -4.85 3.63 -4.55
C THR A 285 -5.14 3.03 -3.17
N ALA A 286 -4.27 3.29 -2.21
CA ALA A 286 -4.39 2.72 -0.87
C ALA A 286 -5.18 3.68 0.02
N GLY A 287 -5.34 4.90 -0.46
CA GLY A 287 -6.19 5.88 0.19
C GLY A 287 -5.51 6.73 1.25
N GLN A 288 -4.20 6.66 1.31
CA GLN A 288 -3.45 7.40 2.32
C GLN A 288 -3.15 8.80 1.75
N ARG A 289 -4.08 9.72 1.99
CA ARG A 289 -4.13 10.97 1.25
C ARG A 289 -2.88 11.81 1.47
N ASP A 290 -2.22 11.59 2.61
CA ASP A 290 -1.13 12.47 3.02
C ASP A 290 0.21 12.04 2.46
N LEU A 291 0.24 10.90 1.76
CA LEU A 291 1.46 10.46 1.12
C LEU A 291 1.28 10.48 -0.40
N VAL A 292 0.17 11.07 -0.85
CA VAL A 292 -0.10 11.26 -2.26
C VAL A 292 0.28 12.67 -2.70
N PRO A 293 1.21 12.80 -3.64
CA PRO A 293 1.56 14.15 -4.09
C PRO A 293 0.44 14.78 -4.92
N HIS A 294 0.16 16.06 -4.70
CA HIS A 294 -0.84 16.74 -5.51
C HIS A 294 -0.38 16.68 -6.96
N TYR A 295 0.91 16.92 -7.17
CA TYR A 295 1.50 16.88 -8.52
C TYR A 295 2.85 16.20 -8.50
N TYR A 296 3.35 15.86 -9.69
CA TYR A 296 4.68 15.31 -9.81
C TYR A 296 5.34 15.75 -11.12
N VAL A 297 6.66 15.80 -11.12
CA VAL A 297 7.42 16.14 -12.32
C VAL A 297 8.65 15.25 -12.39
N GLU A 298 9.12 14.97 -13.60
CA GLU A 298 10.31 14.15 -13.77
C GLU A 298 11.51 14.85 -13.14
N SER A 299 11.58 16.16 -13.33
CA SER A 299 12.63 16.96 -12.72
C SER A 299 12.14 18.38 -12.46
N ILE A 300 12.78 19.08 -11.52
CA ILE A 300 12.39 20.45 -11.21
C ILE A 300 12.64 21.37 -12.40
N ALA A 301 13.47 20.91 -13.34
CA ALA A 301 13.70 21.66 -14.57
C ALA A 301 12.39 21.81 -15.35
N ASP A 302 11.48 20.86 -15.15
CA ASP A 302 10.19 20.88 -15.82
C ASP A 302 9.32 22.04 -15.32
N LEU A 303 9.69 22.63 -14.19
CA LEU A 303 8.91 23.70 -13.59
C LEU A 303 9.10 25.05 -14.28
N MET A 304 10.21 25.19 -15.01
CA MET A 304 10.56 26.47 -15.62
C MET A 304 9.46 26.95 -16.58
N GLU A 305 8.88 26.02 -17.33
CA GLU A 305 7.86 26.36 -18.31
C GLU A 305 6.61 26.93 -17.62
N GLY A 306 6.54 26.76 -16.30
CA GLY A 306 5.49 27.36 -15.51
C GLY A 306 5.66 28.86 -15.36
N LEU A 307 6.87 29.34 -15.64
CA LEU A 307 7.17 30.75 -15.55
C LEU A 307 7.10 31.42 -16.92
N GLY B 4 -12.26 -17.46 35.26
CA GLY B 4 -11.21 -17.68 34.20
C GLY B 4 -10.11 -16.61 34.30
N MET B 5 -10.51 -15.37 34.04
CA MET B 5 -9.62 -14.20 33.97
C MET B 5 -9.01 -13.64 35.24
N ALA B 6 -7.87 -12.97 35.03
CA ALA B 6 -7.16 -12.31 36.10
C ALA B 6 -7.96 -11.16 36.73
N ARG B 7 -8.32 -11.35 37.99
CA ARG B 7 -8.99 -10.33 38.77
C ARG B 7 -7.98 -9.71 39.73
N CYS B 8 -6.73 -10.15 39.60
CA CYS B 8 -5.66 -9.71 40.49
C CYS B 8 -6.09 -9.99 41.93
N GLU B 9 -6.69 -11.16 42.15
CA GLU B 9 -7.14 -11.53 43.48
C GLU B 9 -5.97 -12.09 44.26
N ARG B 10 -5.92 -11.74 45.54
CA ARG B 10 -4.87 -12.21 46.42
C ARG B 10 -5.06 -13.69 46.69
N LEU B 11 -4.04 -14.48 46.39
CA LEU B 11 -4.13 -15.93 46.48
C LEU B 11 -3.83 -16.44 47.89
N ARG B 12 -4.86 -16.88 48.60
CA ARG B 12 -4.66 -17.41 49.94
C ARG B 12 -5.57 -18.61 50.24
N GLY B 13 -5.24 -19.30 51.33
CA GLY B 13 -6.02 -20.43 51.83
C GLY B 13 -6.69 -21.32 50.79
N ALA B 14 -8.01 -21.40 50.83
CA ALA B 14 -8.76 -22.35 50.01
C ALA B 14 -8.43 -22.26 48.52
N ALA B 15 -8.50 -21.07 47.97
CA ALA B 15 -8.21 -20.87 46.56
C ALA B 15 -6.76 -21.26 46.25
N LEU B 16 -5.87 -20.90 47.17
CA LEU B 16 -4.46 -21.20 47.02
C LEU B 16 -4.18 -22.71 47.03
N ARG B 17 -4.90 -23.45 47.87
CA ARG B 17 -4.70 -24.90 47.93
C ARG B 17 -5.13 -25.49 46.59
N ASP B 18 -6.24 -24.95 46.07
CA ASP B 18 -6.83 -25.40 44.82
C ASP B 18 -5.87 -25.21 43.65
N VAL B 19 -5.46 -23.96 43.43
CA VAL B 19 -4.69 -23.63 42.24
C VAL B 19 -3.38 -24.43 42.20
N LEU B 20 -2.67 -24.46 43.32
CA LEU B 20 -1.46 -25.27 43.43
C LEU B 20 -1.80 -26.75 43.26
N GLY B 21 -2.91 -27.17 43.85
CA GLY B 21 -3.34 -28.55 43.76
C GLY B 21 -3.45 -28.99 42.32
N GLN B 22 -4.00 -28.12 41.47
CA GLN B 22 -4.15 -28.44 40.05
C GLN B 22 -2.81 -28.32 39.34
N ALA B 23 -1.94 -27.46 39.86
CA ALA B 23 -0.65 -27.17 39.23
C ALA B 23 0.28 -28.38 39.16
N GLN B 24 0.73 -28.70 37.96
CA GLN B 24 1.76 -29.71 37.76
C GLN B 24 3.15 -29.14 37.90
N GLY B 25 3.29 -27.84 37.62
CA GLY B 25 4.59 -27.20 37.68
C GLY B 25 4.47 -25.72 37.92
N VAL B 26 5.60 -25.09 38.25
CA VAL B 26 5.65 -23.67 38.52
C VAL B 26 6.86 -23.06 37.83
N LEU B 27 6.65 -21.91 37.20
CA LEU B 27 7.70 -21.22 36.47
C LEU B 27 8.06 -19.92 37.19
N PHE B 28 9.34 -19.75 37.50
CA PHE B 28 9.78 -18.62 38.30
C PHE B 28 10.73 -17.72 37.52
N ASP B 29 10.45 -16.41 37.54
CA ASP B 29 11.46 -15.40 37.24
C ASP B 29 12.39 -15.33 38.45
N CYS B 30 13.64 -14.95 38.23
CA CYS B 30 14.63 -14.95 39.32
C CYS B 30 14.74 -13.62 40.06
N ASP B 31 15.10 -12.55 39.37
CA ASP B 31 15.33 -11.25 40.00
C ASP B 31 14.02 -10.62 40.44
N GLY B 32 13.94 -10.26 41.73
CA GLY B 32 12.76 -9.65 42.29
C GLY B 32 11.76 -10.67 42.79
N VAL B 33 12.09 -11.95 42.61
CA VAL B 33 11.19 -13.04 42.98
C VAL B 33 11.87 -13.96 43.97
N LEU B 34 13.03 -14.49 43.58
CA LEU B 34 13.82 -15.36 44.44
C LEU B 34 14.83 -14.54 45.24
N TRP B 35 15.24 -13.40 44.69
CA TRP B 35 16.25 -12.57 45.33
C TRP B 35 16.36 -11.18 44.70
N ASN B 36 16.91 -10.23 45.47
CA ASN B 36 17.30 -8.92 44.94
C ASN B 36 18.78 -8.68 45.24
N GLY B 37 19.62 -8.88 44.24
CA GLY B 37 21.06 -8.82 44.46
C GLY B 37 21.52 -10.02 45.25
N GLU B 38 22.37 -9.78 46.24
CA GLU B 38 22.88 -10.86 47.08
C GLU B 38 21.92 -11.10 48.25
N ARG B 39 20.83 -10.34 48.27
CA ARG B 39 19.80 -10.49 49.29
C ARG B 39 18.70 -11.44 48.81
N ILE B 40 18.51 -12.55 49.50
CA ILE B 40 17.53 -13.55 49.07
C ILE B 40 16.16 -13.25 49.67
N VAL B 41 15.11 -13.66 48.97
CA VAL B 41 13.75 -13.49 49.47
C VAL B 41 13.50 -14.51 50.58
N PRO B 42 13.16 -14.03 51.78
CA PRO B 42 12.94 -14.94 52.92
C PRO B 42 11.98 -16.08 52.60
N GLY B 43 12.42 -17.31 52.85
CA GLY B 43 11.60 -18.49 52.67
C GLY B 43 11.54 -18.99 51.23
N ALA B 44 12.28 -18.35 50.34
CA ALA B 44 12.30 -18.74 48.93
C ALA B 44 12.93 -20.12 48.73
N PRO B 45 14.08 -20.37 49.38
CA PRO B 45 14.71 -21.68 49.26
C PRO B 45 13.78 -22.80 49.72
N GLU B 46 13.14 -22.60 50.86
CA GLU B 46 12.24 -23.60 51.43
C GLU B 46 11.04 -23.84 50.54
N LEU B 47 10.55 -22.79 49.89
CA LEU B 47 9.40 -22.94 48.99
C LEU B 47 9.72 -23.96 47.91
N LEU B 48 10.90 -23.83 47.32
CA LEU B 48 11.32 -24.74 46.26
C LEU B 48 11.43 -26.13 46.83
N GLN B 49 12.02 -26.24 48.01
CA GLN B 49 12.14 -27.51 48.72
C GLN B 49 10.77 -28.20 48.80
N ARG B 50 9.76 -27.43 49.20
CA ARG B 50 8.42 -28.01 49.39
C ARG B 50 7.71 -28.29 48.07
N LEU B 51 8.00 -27.49 47.05
CA LEU B 51 7.43 -27.76 45.73
C LEU B 51 7.98 -29.09 45.22
N ALA B 52 9.28 -29.31 45.46
CA ALA B 52 9.95 -30.53 45.04
C ALA B 52 9.33 -31.75 45.73
N ARG B 53 9.16 -31.66 47.04
CA ARG B 53 8.60 -32.76 47.81
C ARG B 53 7.13 -32.96 47.49
N ALA B 54 6.45 -31.89 47.11
CA ALA B 54 5.06 -31.96 46.67
C ALA B 54 4.94 -32.64 45.31
N GLY B 55 6.08 -32.83 44.63
CA GLY B 55 6.10 -33.50 43.35
C GLY B 55 5.83 -32.59 42.16
N LYS B 56 6.10 -31.30 42.33
CA LYS B 56 5.86 -30.32 41.27
C LYS B 56 7.16 -29.88 40.61
N ASN B 57 7.15 -29.89 39.28
CA ASN B 57 8.31 -29.43 38.51
C ASN B 57 8.44 -27.92 38.60
N THR B 58 9.62 -27.46 39.00
CA THR B 58 9.90 -26.03 39.02
C THR B 58 10.98 -25.69 37.99
N LEU B 59 10.72 -24.67 37.20
CA LEU B 59 11.68 -24.19 36.22
C LEU B 59 11.93 -22.70 36.47
N PHE B 60 13.06 -22.21 35.99
CA PHE B 60 13.46 -20.83 36.24
C PHE B 60 13.87 -20.10 34.96
N VAL B 61 13.31 -18.91 34.75
CA VAL B 61 13.55 -18.12 33.55
C VAL B 61 14.10 -16.73 33.88
N SER B 62 15.09 -16.28 33.12
CA SER B 62 15.70 -14.97 33.37
C SER B 62 16.20 -14.31 32.09
N ASN B 63 16.01 -12.99 32.00
CA ASN B 63 16.53 -12.21 30.89
C ASN B 63 17.93 -11.66 31.20
N ASN B 64 18.44 -12.01 32.38
CA ASN B 64 19.76 -11.57 32.84
C ASN B 64 20.83 -11.95 31.82
N SER B 65 21.91 -11.18 31.80
CA SER B 65 22.95 -11.37 30.79
C SER B 65 24.37 -11.51 31.31
N ARG B 66 24.56 -11.64 32.62
CA ARG B 66 25.93 -11.66 33.15
C ARG B 66 26.48 -13.05 33.37
N ARG B 67 25.60 -14.03 33.60
CA ARG B 67 26.06 -15.38 33.91
C ARG B 67 25.39 -16.46 33.07
N ALA B 68 26.22 -17.37 32.56
CA ALA B 68 25.76 -18.45 31.71
C ALA B 68 25.17 -19.55 32.59
N ARG B 69 24.59 -20.57 31.98
CA ARG B 69 23.90 -21.61 32.73
C ARG B 69 24.80 -22.21 33.81
N PRO B 70 26.03 -22.59 33.45
CA PRO B 70 26.92 -23.19 34.44
C PRO B 70 27.13 -22.30 35.67
N GLU B 71 27.64 -21.09 35.42
CA GLU B 71 27.96 -20.15 36.50
C GLU B 71 26.73 -19.60 37.22
N LEU B 72 25.56 -19.76 36.61
CA LEU B 72 24.31 -19.36 37.26
C LEU B 72 23.92 -20.40 38.31
N ALA B 73 24.14 -21.67 37.97
CA ALA B 73 23.86 -22.76 38.90
C ALA B 73 24.62 -22.55 40.20
N LEU B 74 25.87 -22.11 40.10
CA LEU B 74 26.69 -21.84 41.28
C LEU B 74 26.03 -20.79 42.16
N ARG B 75 25.50 -19.74 41.53
CA ARG B 75 24.84 -18.68 42.28
C ARG B 75 23.72 -19.22 43.17
N PHE B 76 22.91 -20.13 42.64
CA PHE B 76 21.85 -20.73 43.44
C PHE B 76 22.40 -21.37 44.69
N ALA B 77 23.47 -22.15 44.54
CA ALA B 77 24.08 -22.83 45.66
C ALA B 77 24.56 -21.82 46.70
N ARG B 78 25.29 -20.80 46.25
CA ARG B 78 25.84 -19.79 47.15
C ARG B 78 24.73 -19.07 47.93
N LEU B 79 23.56 -18.95 47.32
CA LEU B 79 22.47 -18.20 47.91
C LEU B 79 21.53 -19.08 48.73
N GLY B 80 21.91 -20.34 48.93
CA GLY B 80 21.17 -21.22 49.81
C GLY B 80 20.12 -22.06 49.12
N PHE B 81 20.18 -22.12 47.79
CA PHE B 81 19.26 -22.95 47.03
C PHE B 81 19.93 -24.26 46.64
N ALA B 82 19.49 -25.35 47.25
CA ALA B 82 20.16 -26.64 47.08
C ALA B 82 19.26 -27.64 46.36
N GLY B 83 19.88 -28.66 45.80
CA GLY B 83 19.17 -29.71 45.09
C GLY B 83 18.59 -29.17 43.79
N LEU B 84 19.17 -28.07 43.31
CA LEU B 84 18.67 -27.46 42.10
C LEU B 84 19.62 -27.84 40.99
N ARG B 85 19.09 -28.50 39.97
CA ARG B 85 19.89 -28.92 38.82
C ARG B 85 19.87 -27.85 37.72
N ALA B 86 21.00 -27.72 37.02
CA ALA B 86 21.17 -26.70 35.99
C ALA B 86 20.17 -26.80 34.84
N GLU B 87 19.64 -28.00 34.60
CA GLU B 87 18.68 -28.21 33.52
C GLU B 87 17.40 -27.41 33.71
N GLN B 88 17.19 -26.89 34.92
CA GLN B 88 15.99 -26.11 35.21
C GLN B 88 16.18 -24.64 34.85
N LEU B 89 17.40 -24.26 34.50
CA LEU B 89 17.72 -22.86 34.28
C LEU B 89 17.62 -22.48 32.81
N PHE B 90 16.82 -21.47 32.53
CA PHE B 90 16.65 -20.98 31.18
C PHE B 90 16.80 -19.46 31.13
N SER B 91 17.89 -19.01 30.52
CA SER B 91 18.11 -17.59 30.31
C SER B 91 17.85 -17.22 28.86
N SER B 92 17.64 -15.93 28.60
CA SER B 92 17.46 -15.47 27.23
C SER B 92 18.73 -15.77 26.43
N ALA B 93 19.88 -15.63 27.08
CA ALA B 93 21.16 -15.90 26.43
C ALA B 93 21.24 -17.37 26.04
N LEU B 94 20.80 -18.25 26.93
CA LEU B 94 20.79 -19.68 26.66
C LEU B 94 19.90 -19.99 25.46
N CYS B 95 18.67 -19.49 25.50
CA CYS B 95 17.68 -19.80 24.47
C CYS B 95 18.01 -19.18 23.12
N ALA B 96 18.74 -18.06 23.13
CA ALA B 96 19.19 -17.44 21.90
C ALA B 96 20.15 -18.39 21.19
N ALA B 97 21.07 -18.95 21.98
CA ALA B 97 22.03 -19.92 21.46
C ALA B 97 21.30 -21.12 20.88
N ARG B 98 20.24 -21.55 21.56
CA ARG B 98 19.46 -22.70 21.11
C ARG B 98 18.81 -22.40 19.77
N LEU B 99 18.37 -21.15 19.59
CA LEU B 99 17.74 -20.73 18.35
C LEU B 99 18.75 -20.74 17.19
N LEU B 100 19.89 -20.11 17.38
CA LEU B 100 20.91 -20.07 16.33
C LEU B 100 21.33 -21.49 15.94
N ARG B 101 21.46 -22.36 16.94
CA ARG B 101 21.79 -23.76 16.70
C ARG B 101 20.80 -24.38 15.73
N GLN B 102 19.51 -24.14 16.01
CA GLN B 102 18.42 -24.69 15.22
C GLN B 102 18.33 -24.06 13.83
N ARG B 103 18.49 -22.76 13.77
CA ARG B 103 18.34 -22.03 12.52
C ARG B 103 19.56 -22.21 11.64
N LEU B 104 20.75 -22.25 12.24
CA LEU B 104 21.95 -22.46 11.46
C LEU B 104 22.35 -23.94 11.40
N ALA B 105 21.38 -24.83 11.54
CA ALA B 105 21.64 -26.25 11.48
C ALA B 105 22.04 -26.66 10.07
N GLY B 106 23.26 -27.17 9.93
CA GLY B 106 23.82 -27.51 8.63
C GLY B 106 24.68 -26.40 8.04
N VAL B 107 25.09 -25.48 8.90
CA VAL B 107 26.04 -24.44 8.52
C VAL B 107 27.39 -24.80 9.13
N PRO B 108 28.45 -24.80 8.32
CA PRO B 108 29.76 -25.11 8.92
C PRO B 108 30.43 -23.89 9.52
N ASP B 109 31.03 -24.07 10.70
CA ASP B 109 31.70 -22.99 11.40
C ASP B 109 30.83 -21.74 11.47
N PRO B 110 29.60 -21.89 12.00
CA PRO B 110 28.67 -20.76 12.09
C PRO B 110 29.18 -19.69 13.05
N LYS B 111 29.15 -18.43 12.61
CA LYS B 111 29.63 -17.33 13.42
C LYS B 111 28.55 -16.27 13.56
N ALA B 112 28.55 -15.57 14.69
CA ALA B 112 27.59 -14.49 14.92
C ALA B 112 28.29 -13.24 15.44
N TYR B 113 27.82 -12.08 14.99
CA TYR B 113 28.26 -10.81 15.55
C TYR B 113 27.38 -10.50 16.74
N VAL B 114 28.02 -10.29 17.89
CA VAL B 114 27.28 -10.19 19.14
C VAL B 114 27.47 -8.83 19.81
N LEU B 115 26.38 -8.08 19.88
CA LEU B 115 26.33 -6.87 20.69
C LEU B 115 25.78 -7.29 22.05
N GLY B 116 26.66 -7.84 22.88
CA GLY B 116 26.26 -8.38 24.15
C GLY B 116 27.40 -8.81 25.05
N SER B 117 27.10 -9.67 26.00
CA SER B 117 28.04 -10.03 27.05
C SER B 117 28.92 -11.24 26.73
N PRO B 118 30.04 -11.37 27.45
CA PRO B 118 30.88 -12.57 27.37
C PRO B 118 30.09 -13.82 27.71
N ALA B 119 29.08 -13.66 28.59
CA ALA B 119 28.20 -14.76 28.93
C ALA B 119 27.39 -15.16 27.72
N LEU B 120 26.77 -14.18 27.07
CA LEU B 120 26.02 -14.43 25.84
C LEU B 120 26.92 -15.13 24.83
N ALA B 121 28.17 -14.67 24.73
CA ALA B 121 29.12 -15.27 23.80
C ALA B 121 29.36 -16.74 24.15
N ALA B 122 29.49 -17.03 25.44
CA ALA B 122 29.75 -18.38 25.89
C ALA B 122 28.60 -19.31 25.52
N GLU B 123 27.36 -18.86 25.70
CA GLU B 123 26.21 -19.68 25.38
C GLU B 123 26.21 -20.04 23.90
N LEU B 124 26.68 -19.10 23.08
CA LEU B 124 26.81 -19.36 21.66
C LEU B 124 27.99 -20.30 21.43
N GLU B 125 29.12 -20.03 22.09
CA GLU B 125 30.32 -20.82 21.89
C GLU B 125 30.15 -22.24 22.43
N ALA B 126 29.24 -22.41 23.38
CA ALA B 126 28.95 -23.71 23.93
C ALA B 126 28.06 -24.53 23.01
N VAL B 127 27.32 -23.85 22.14
CA VAL B 127 26.40 -24.55 21.25
C VAL B 127 27.01 -24.71 19.84
N GLY B 128 28.25 -24.25 19.67
CA GLY B 128 28.97 -24.44 18.43
C GLY B 128 29.05 -23.20 17.54
N VAL B 129 28.43 -22.11 17.97
CA VAL B 129 28.46 -20.87 17.21
C VAL B 129 29.55 -19.93 17.69
N THR B 130 30.49 -19.61 16.79
CA THR B 130 31.57 -18.70 17.13
C THR B 130 31.05 -17.28 17.25
N SER B 131 31.73 -16.45 18.03
CA SER B 131 31.28 -15.10 18.31
C SER B 131 32.37 -14.04 18.19
N VAL B 132 31.96 -12.85 17.78
CA VAL B 132 32.82 -11.68 17.74
C VAL B 132 32.01 -10.43 18.03
N GLY B 133 32.68 -9.38 18.51
CA GLY B 133 32.03 -8.10 18.74
C GLY B 133 31.84 -7.71 20.20
N VAL B 134 31.94 -8.69 21.10
CA VAL B 134 31.80 -8.39 22.52
C VAL B 134 32.90 -7.43 22.95
N GLY B 135 32.54 -6.47 23.79
CA GLY B 135 33.50 -5.50 24.27
C GLY B 135 33.33 -4.16 23.58
N PRO B 136 34.23 -3.22 23.89
CA PRO B 136 34.18 -1.87 23.32
C PRO B 136 34.51 -1.85 21.84
N ASP B 137 33.76 -1.04 21.09
CA ASP B 137 34.07 -0.77 19.71
C ASP B 137 34.03 0.74 19.52
N VAL B 138 35.12 1.40 19.92
CA VAL B 138 35.23 2.84 19.83
C VAL B 138 35.32 3.29 18.38
N LEU B 139 34.85 4.50 18.11
CA LEU B 139 34.78 5.00 16.75
C LEU B 139 36.13 5.57 16.29
N HIS B 140 36.68 4.92 15.27
CA HIS B 140 37.97 5.26 14.65
C HIS B 140 38.26 6.74 14.40
N GLY B 141 37.31 7.47 13.83
CA GLY B 141 37.58 8.85 13.47
C GLY B 141 37.40 9.13 11.98
N ASP B 142 37.26 10.41 11.66
CA ASP B 142 36.97 10.89 10.31
C ASP B 142 35.47 10.72 10.02
N GLY B 143 35.13 9.98 8.97
CA GLY B 143 33.74 9.89 8.56
C GLY B 143 33.31 8.54 8.03
N PRO B 144 32.09 8.49 7.46
CA PRO B 144 31.44 7.29 6.94
C PRO B 144 32.33 6.45 6.04
N SER B 145 33.04 7.06 5.10
CA SER B 145 33.85 6.31 4.16
C SER B 145 34.88 5.47 4.91
N ASP B 146 35.36 5.98 6.03
CA ASP B 146 36.31 5.24 6.85
C ASP B 146 35.59 4.15 7.67
N TRP B 147 34.43 4.51 8.21
CA TRP B 147 33.66 3.58 9.04
C TRP B 147 33.19 2.38 8.22
N LEU B 148 32.88 2.63 6.95
CA LEU B 148 32.31 1.61 6.09
C LEU B 148 33.37 0.73 5.44
N ALA B 149 34.64 1.12 5.57
CA ALA B 149 35.74 0.37 4.95
C ALA B 149 36.41 -0.58 5.95
N VAL B 150 35.90 -0.60 7.19
CA VAL B 150 36.45 -1.47 8.22
C VAL B 150 36.21 -2.93 7.86
N PRO B 151 37.29 -3.74 7.80
CA PRO B 151 37.11 -5.15 7.45
C PRO B 151 36.33 -5.93 8.52
N LEU B 152 35.32 -6.68 8.09
CA LEU B 152 34.49 -7.45 9.00
C LEU B 152 34.82 -8.94 8.93
N GLU B 153 34.10 -9.74 9.72
CA GLU B 153 34.27 -11.19 9.69
C GLU B 153 33.35 -11.80 8.64
N PRO B 154 33.91 -12.58 7.71
CA PRO B 154 33.16 -13.10 6.56
C PRO B 154 32.14 -14.18 6.90
N ASP B 155 32.39 -14.97 7.94
CA ASP B 155 31.54 -16.11 8.25
C ASP B 155 30.32 -15.76 9.11
N VAL B 156 30.17 -14.49 9.48
CA VAL B 156 29.04 -14.07 10.31
C VAL B 156 27.71 -14.37 9.61
N ARG B 157 26.86 -15.11 10.30
CA ARG B 157 25.57 -15.50 9.77
C ARG B 157 24.41 -15.03 10.66
N ALA B 158 24.73 -14.22 11.66
CA ALA B 158 23.70 -13.69 12.55
C ALA B 158 24.22 -12.49 13.33
N VAL B 159 23.34 -11.52 13.54
CA VAL B 159 23.59 -10.44 14.47
C VAL B 159 22.76 -10.71 15.72
N VAL B 160 23.41 -10.79 16.87
CA VAL B 160 22.71 -11.05 18.11
C VAL B 160 22.86 -9.85 19.04
N VAL B 161 21.74 -9.19 19.31
CA VAL B 161 21.76 -8.03 20.19
C VAL B 161 21.24 -8.42 21.56
N GLY B 162 22.14 -8.43 22.54
CA GLY B 162 21.75 -8.64 23.92
C GLY B 162 21.95 -7.34 24.68
N PHE B 163 22.14 -7.42 25.98
CA PHE B 163 22.46 -6.22 26.73
C PHE B 163 23.94 -5.95 26.53
N ASP B 164 24.25 -4.75 26.09
CA ASP B 164 25.61 -4.40 25.73
C ASP B 164 25.90 -2.97 26.16
N PRO B 165 26.63 -2.81 27.27
CA PRO B 165 26.97 -1.47 27.75
C PRO B 165 28.04 -0.81 26.87
N HIS B 166 28.56 -1.58 25.92
CA HIS B 166 29.54 -1.04 24.98
C HIS B 166 28.91 -0.71 23.63
N PHE B 167 27.59 -0.76 23.56
CA PHE B 167 26.88 -0.40 22.35
C PHE B 167 27.29 0.99 21.87
N SER B 168 27.64 1.10 20.59
CA SER B 168 28.03 2.38 20.02
C SER B 168 27.54 2.48 18.60
N TYR B 169 27.67 3.66 18.00
CA TYR B 169 27.26 3.86 16.62
C TYR B 169 28.10 2.99 15.68
N MET B 170 29.35 2.75 16.06
CA MET B 170 30.23 1.87 15.29
C MET B 170 29.69 0.46 15.26
N LYS B 171 29.25 -0.03 16.42
CA LYS B 171 28.67 -1.37 16.53
C LYS B 171 27.37 -1.42 15.75
N LEU B 172 26.59 -0.34 15.82
CA LEU B 172 25.33 -0.27 15.09
C LEU B 172 25.61 -0.35 13.59
N THR B 173 26.67 0.32 13.15
CA THR B 173 27.05 0.35 11.75
C THR B 173 27.49 -1.03 11.29
N LYS B 174 28.36 -1.67 12.07
CA LYS B 174 28.82 -3.01 11.73
C LYS B 174 27.63 -3.94 11.60
N ALA B 175 26.72 -3.84 12.56
CA ALA B 175 25.54 -4.70 12.59
C ALA B 175 24.70 -4.52 11.32
N VAL B 176 24.50 -3.27 10.93
CA VAL B 176 23.73 -2.96 9.74
C VAL B 176 24.39 -3.55 8.50
N ARG B 177 25.71 -3.45 8.43
CA ARG B 177 26.45 -3.97 7.29
C ARG B 177 26.29 -5.48 7.18
N TYR B 178 26.41 -6.18 8.30
CA TYR B 178 26.22 -7.63 8.32
C TYR B 178 24.83 -7.98 7.82
N LEU B 179 23.84 -7.16 8.20
CA LEU B 179 22.45 -7.45 7.87
C LEU B 179 22.10 -7.06 6.44
N GLN B 180 23.06 -6.49 5.73
CA GLN B 180 22.87 -6.18 4.33
C GLN B 180 22.74 -7.47 3.52
N GLN B 181 23.35 -8.54 4.02
CA GLN B 181 23.10 -9.88 3.50
C GLN B 181 21.78 -10.39 4.07
N PRO B 182 20.76 -10.54 3.22
CA PRO B 182 19.42 -10.89 3.71
C PRO B 182 19.37 -12.22 4.47
N ASP B 183 20.18 -13.20 4.06
CA ASP B 183 20.23 -14.49 4.74
C ASP B 183 20.69 -14.39 6.19
N CYS B 184 21.39 -13.30 6.51
CA CYS B 184 21.87 -13.08 7.87
C CYS B 184 20.72 -12.93 8.84
N LEU B 185 20.91 -13.45 10.05
CA LEU B 185 19.85 -13.45 11.05
C LEU B 185 20.01 -12.28 12.00
N LEU B 186 18.89 -11.76 12.47
CA LEU B 186 18.91 -10.74 13.51
C LEU B 186 18.11 -11.21 14.71
N VAL B 187 18.79 -11.35 15.84
CA VAL B 187 18.18 -11.87 17.04
C VAL B 187 18.30 -10.88 18.19
N GLY B 188 17.21 -10.71 18.94
CA GLY B 188 17.21 -9.90 20.14
C GLY B 188 16.95 -10.74 21.38
N THR B 189 17.81 -10.62 22.38
CA THR B 189 17.66 -11.38 23.62
C THR B 189 16.38 -11.01 24.35
N ASN B 190 16.02 -9.73 24.33
CA ASN B 190 14.75 -9.28 24.89
C ASN B 190 14.42 -7.87 24.38
N MET B 191 13.16 -7.47 24.52
CA MET B 191 12.71 -6.17 24.02
C MET B 191 12.41 -5.16 25.14
N ASP B 192 12.95 -5.39 26.33
CA ASP B 192 12.68 -4.51 27.47
C ASP B 192 13.23 -3.10 27.26
N ASN B 193 12.40 -2.11 27.55
CA ASN B 193 12.79 -0.72 27.43
C ASN B 193 13.69 -0.30 28.59
N ARG B 194 13.51 -0.96 29.72
CA ARG B 194 14.26 -0.63 30.93
C ARG B 194 14.76 -1.88 31.63
N LEU B 195 15.98 -1.78 32.17
CA LEU B 195 16.55 -2.86 32.95
C LEU B 195 16.54 -2.48 34.42
N PRO B 196 15.64 -3.09 35.21
CA PRO B 196 15.56 -2.80 36.65
C PRO B 196 16.83 -3.13 37.42
N LEU B 197 17.13 -2.28 38.39
CA LEU B 197 18.28 -2.43 39.28
C LEU B 197 17.84 -2.68 40.72
N GLU B 198 18.80 -3.00 41.58
CA GLU B 198 18.49 -3.49 42.92
C GLU B 198 17.50 -2.63 43.69
N ASN B 199 17.79 -1.35 43.83
CA ASN B 199 17.04 -0.47 44.73
C ASN B 199 16.01 0.43 44.06
N GLY B 200 15.29 -0.09 43.06
CA GLY B 200 14.23 0.66 42.42
C GLY B 200 14.73 1.53 41.29
N ARG B 201 16.04 1.54 41.10
CA ARG B 201 16.65 2.27 39.99
C ARG B 201 16.46 1.48 38.70
N PHE B 202 16.94 2.04 37.60
CA PHE B 202 16.91 1.36 36.31
C PHE B 202 17.91 1.97 35.36
N ILE B 203 18.19 1.27 34.28
CA ILE B 203 19.00 1.82 33.19
C ILE B 203 18.37 1.38 31.89
N ALA B 204 18.83 1.95 30.77
CA ALA B 204 18.24 1.65 29.48
C ALA B 204 18.27 0.15 29.22
N GLY B 205 17.16 -0.39 28.74
CA GLY B 205 17.05 -1.83 28.49
C GLY B 205 17.46 -2.28 27.10
N THR B 206 17.77 -3.57 27.00
CA THR B 206 18.25 -4.18 25.76
C THR B 206 17.34 -3.87 24.56
N GLY B 207 16.04 -3.78 24.81
CA GLY B 207 15.08 -3.49 23.76
C GLY B 207 15.34 -2.16 23.05
N CYS B 208 16.03 -1.23 23.70
CA CYS B 208 16.37 0.05 23.08
C CYS B 208 17.41 -0.13 21.99
N LEU B 209 18.39 -0.99 22.27
CA LEU B 209 19.47 -1.24 21.33
C LEU B 209 18.94 -2.03 20.14
N VAL B 210 18.07 -2.98 20.42
CA VAL B 210 17.51 -3.85 19.39
C VAL B 210 16.69 -3.04 18.40
N ARG B 211 15.87 -2.15 18.92
CA ARG B 211 15.01 -1.32 18.08
C ARG B 211 15.85 -0.44 17.16
N ALA B 212 16.98 0.03 17.67
CA ALA B 212 17.88 0.89 16.89
C ALA B 212 18.42 0.15 15.68
N VAL B 213 18.88 -1.07 15.90
CA VAL B 213 19.39 -1.90 14.83
C VAL B 213 18.27 -2.24 13.86
N GLU B 214 17.09 -2.54 14.40
CA GLU B 214 15.94 -2.88 13.58
C GLU B 214 15.61 -1.73 12.63
N MET B 215 15.57 -0.53 13.17
CA MET B 215 15.23 0.64 12.40
C MET B 215 16.24 0.89 11.28
N ALA B 216 17.51 0.93 11.64
CA ALA B 216 18.58 1.17 10.67
C ALA B 216 18.59 0.06 9.61
N ALA B 217 18.54 -1.18 10.06
CA ALA B 217 18.62 -2.34 9.16
C ALA B 217 17.27 -2.67 8.53
N GLN B 218 16.23 -1.97 8.95
CA GLN B 218 14.88 -2.21 8.45
C GLN B 218 14.51 -3.70 8.52
N ARG B 219 14.58 -4.23 9.74
CA ARG B 219 14.27 -5.64 10.00
C ARG B 219 13.44 -5.80 11.26
N GLN B 220 12.63 -6.85 11.32
CA GLN B 220 11.99 -7.24 12.58
C GLN B 220 12.78 -8.39 13.20
N ALA B 221 13.50 -8.09 14.28
CA ALA B 221 14.34 -9.08 14.95
C ALA B 221 13.52 -10.16 15.62
N ASP B 222 14.11 -11.36 15.69
CA ASP B 222 13.54 -12.45 16.44
C ASP B 222 13.88 -12.21 17.91
N ILE B 223 12.86 -12.09 18.75
CA ILE B 223 13.08 -11.83 20.17
C ILE B 223 13.03 -13.13 20.97
N ILE B 224 14.00 -13.32 21.87
CA ILE B 224 14.08 -14.56 22.63
C ILE B 224 13.38 -14.48 23.99
N GLY B 225 13.82 -13.55 24.82
CA GLY B 225 13.41 -13.48 26.21
C GLY B 225 11.97 -13.04 26.46
N LYS B 226 11.52 -13.19 27.70
CA LYS B 226 10.19 -12.77 28.10
C LYS B 226 10.01 -11.29 27.77
N PRO B 227 8.79 -10.90 27.37
CA PRO B 227 7.59 -11.72 27.26
C PRO B 227 7.45 -12.42 25.91
N SER B 228 8.56 -12.62 25.20
CA SER B 228 8.51 -13.32 23.93
C SER B 228 8.13 -14.78 24.13
N PRO B 229 7.09 -15.24 23.42
CA PRO B 229 6.64 -16.63 23.53
C PRO B 229 7.72 -17.66 23.24
N TYR B 230 8.83 -17.27 22.62
CA TYR B 230 9.85 -18.25 22.25
C TYR B 230 10.51 -18.92 23.46
N MET B 231 10.64 -18.18 24.56
CA MET B 231 11.21 -18.73 25.79
C MET B 231 10.47 -19.97 26.22
N PHE B 232 9.16 -19.96 26.09
CA PHE B 232 8.36 -21.12 26.47
C PHE B 232 8.74 -22.27 25.56
N GLN B 233 8.81 -22.00 24.26
CA GLN B 233 9.26 -22.99 23.28
C GLN B 233 10.63 -23.53 23.66
N CYS B 234 11.53 -22.62 24.01
CA CYS B 234 12.88 -23.00 24.42
C CYS B 234 12.83 -24.03 25.55
N ILE B 235 11.88 -23.84 26.47
CA ILE B 235 11.73 -24.72 27.63
C ILE B 235 11.12 -26.05 27.23
N THR B 236 10.07 -26.00 26.41
CA THR B 236 9.32 -27.20 26.03
C THR B 236 10.15 -28.15 25.18
N GLU B 237 11.33 -27.70 24.75
CA GLU B 237 12.25 -28.57 24.05
C GLU B 237 12.83 -29.59 25.02
N ASP B 238 12.93 -29.21 26.29
CA ASP B 238 13.49 -30.08 27.33
C ASP B 238 12.42 -30.71 28.18
N PHE B 239 11.39 -29.94 28.52
CA PHE B 239 10.39 -30.38 29.48
C PHE B 239 9.00 -30.41 28.88
N SER B 240 8.18 -31.36 29.33
CA SER B 240 6.78 -31.39 28.95
C SER B 240 6.02 -30.46 29.88
N VAL B 241 5.67 -29.28 29.38
CA VAL B 241 5.02 -28.29 30.21
C VAL B 241 3.66 -27.93 29.62
N ASP B 242 2.61 -28.45 30.24
CA ASP B 242 1.24 -28.10 29.88
C ASP B 242 0.92 -26.76 30.54
N PRO B 243 0.90 -25.67 29.76
CA PRO B 243 0.71 -24.33 30.33
C PRO B 243 -0.57 -24.22 31.17
N ALA B 244 -1.57 -25.04 30.84
CA ALA B 244 -2.83 -25.03 31.58
C ALA B 244 -2.64 -25.51 33.02
N ARG B 245 -1.59 -26.28 33.25
CA ARG B 245 -1.29 -26.80 34.60
C ARG B 245 0.03 -26.26 35.14
N THR B 246 0.47 -25.11 34.63
CA THR B 246 1.74 -24.53 35.06
C THR B 246 1.51 -23.10 35.51
N LEU B 247 2.06 -22.73 36.66
CA LEU B 247 1.92 -21.38 37.17
C LEU B 247 3.14 -20.54 36.79
N MET B 248 2.90 -19.35 36.28
CA MET B 248 3.99 -18.42 35.99
C MET B 248 4.09 -17.40 37.12
N VAL B 249 5.24 -17.33 37.75
CA VAL B 249 5.45 -16.46 38.89
C VAL B 249 6.52 -15.43 38.54
N GLY B 250 6.18 -14.15 38.69
CA GLY B 250 7.11 -13.09 38.37
C GLY B 250 6.84 -11.80 39.14
N ASP B 251 7.84 -10.92 39.17
CA ASP B 251 7.72 -9.64 39.85
C ASP B 251 7.31 -8.53 38.92
N ARG B 252 7.63 -8.67 37.63
CA ARG B 252 7.38 -7.63 36.64
C ARG B 252 6.14 -7.91 35.79
N LEU B 253 5.30 -6.91 35.61
CA LEU B 253 4.03 -7.05 34.91
C LEU B 253 4.20 -7.06 33.41
N GLU B 254 5.10 -6.21 32.92
CA GLU B 254 5.23 -5.97 31.49
C GLU B 254 6.02 -7.09 30.82
N THR B 255 6.68 -7.90 31.64
CA THR B 255 7.45 -9.02 31.15
C THR B 255 6.85 -10.37 31.56
N ASP B 256 6.76 -10.61 32.86
CA ASP B 256 6.42 -11.92 33.40
C ASP B 256 4.95 -12.27 33.23
N ILE B 257 4.10 -11.31 33.56
CA ILE B 257 2.65 -11.51 33.50
C ILE B 257 2.22 -11.60 32.04
N LEU B 258 2.68 -10.65 31.23
CA LEU B 258 2.40 -10.68 29.80
C LEU B 258 2.88 -12.01 29.21
N PHE B 259 4.01 -12.50 29.70
CA PHE B 259 4.56 -13.77 29.24
C PHE B 259 3.60 -14.92 29.56
N GLY B 260 3.10 -14.94 30.79
CA GLY B 260 2.17 -15.97 31.22
C GLY B 260 0.92 -16.01 30.35
N HIS B 261 0.30 -14.85 30.15
CA HIS B 261 -0.92 -14.77 29.36
C HIS B 261 -0.71 -15.24 27.93
N ARG B 262 0.40 -14.85 27.33
CA ARG B 262 0.69 -15.23 25.95
C ARG B 262 0.92 -16.73 25.84
N CYS B 263 1.36 -17.34 26.92
CA CYS B 263 1.64 -18.77 26.91
C CYS B 263 0.48 -19.58 27.47
N GLY B 264 -0.51 -18.89 28.05
CA GLY B 264 -1.69 -19.55 28.57
C GLY B 264 -1.50 -20.13 29.97
N MET B 265 -0.49 -19.62 30.67
CA MET B 265 -0.22 -20.05 32.03
C MET B 265 -0.98 -19.18 33.03
N THR B 266 -1.31 -19.76 34.19
CA THR B 266 -1.88 -19.00 35.28
C THR B 266 -0.79 -18.18 35.95
N THR B 267 -1.00 -16.87 36.01
CA THR B 267 0.05 -15.95 36.44
C THR B 267 -0.08 -15.53 37.91
N VAL B 268 1.08 -15.39 38.56
CA VAL B 268 1.15 -15.00 39.94
C VAL B 268 2.16 -13.88 40.10
N LEU B 269 1.67 -12.70 40.48
CA LEU B 269 2.55 -11.56 40.73
C LEU B 269 3.02 -11.57 42.17
N THR B 270 4.33 -11.52 42.37
CA THR B 270 4.90 -11.37 43.70
C THR B 270 5.28 -9.90 43.91
N LEU B 271 5.03 -9.39 45.11
CA LEU B 271 5.21 -7.97 45.38
C LEU B 271 6.60 -7.63 45.92
N THR B 272 7.53 -8.57 45.78
CA THR B 272 8.90 -8.34 46.24
C THR B 272 9.83 -7.74 45.17
N GLY B 273 9.27 -7.33 44.03
CA GLY B 273 10.10 -6.85 42.93
C GLY B 273 9.72 -5.50 42.36
N VAL B 274 9.96 -5.33 41.06
CA VAL B 274 9.86 -4.01 40.43
C VAL B 274 8.42 -3.49 40.46
N SER B 275 7.48 -4.30 39.97
CA SER B 275 6.11 -3.84 39.87
C SER B 275 5.43 -3.92 41.22
N SER B 276 4.45 -3.06 41.43
CA SER B 276 3.70 -3.02 42.67
C SER B 276 2.23 -3.32 42.40
N LEU B 277 1.50 -3.68 43.45
CA LEU B 277 0.07 -3.97 43.33
C LEU B 277 -0.64 -2.76 42.78
N GLU B 278 -0.15 -1.59 43.16
CA GLU B 278 -0.71 -0.32 42.72
C GLU B 278 -0.78 -0.29 41.19
N GLU B 279 0.31 -0.69 40.55
CA GLU B 279 0.41 -0.68 39.09
C GLU B 279 -0.45 -1.76 38.45
N ALA B 280 -0.49 -2.93 39.09
CA ALA B 280 -1.26 -4.05 38.60
C ALA B 280 -2.74 -3.69 38.52
N GLN B 281 -3.26 -3.07 39.58
CA GLN B 281 -4.65 -2.66 39.60
C GLN B 281 -4.87 -1.55 38.58
N ALA B 282 -3.83 -0.76 38.34
CA ALA B 282 -3.92 0.31 37.34
C ALA B 282 -4.18 -0.30 35.96
N TYR B 283 -3.47 -1.38 35.65
CA TYR B 283 -3.68 -2.08 34.38
C TYR B 283 -5.08 -2.70 34.34
N LEU B 284 -5.50 -3.28 35.45
CA LEU B 284 -6.82 -3.89 35.53
C LEU B 284 -7.89 -2.84 35.31
N THR B 285 -7.69 -1.69 35.92
CA THR B 285 -8.64 -0.59 35.85
C THR B 285 -8.65 0.03 34.45
N ALA B 286 -7.56 -0.15 33.70
CA ALA B 286 -7.41 0.48 32.40
C ALA B 286 -7.88 -0.44 31.26
N GLY B 287 -8.08 -1.71 31.58
CA GLY B 287 -8.63 -2.64 30.61
C GLY B 287 -7.58 -3.36 29.78
N GLN B 288 -6.32 -3.26 30.20
CA GLN B 288 -5.22 -3.88 29.46
C GLN B 288 -5.05 -5.32 29.96
N ARG B 289 -5.73 -6.24 29.29
CA ARG B 289 -5.99 -7.60 29.77
C ARG B 289 -4.74 -8.46 29.95
N ASP B 290 -3.69 -8.14 29.21
CA ASP B 290 -2.51 -9.00 29.16
C ASP B 290 -1.47 -8.65 30.23
N LEU B 291 -1.72 -7.60 30.99
CA LEU B 291 -0.80 -7.16 32.03
C LEU B 291 -1.38 -7.31 33.45
N VAL B 292 -2.56 -7.92 33.54
CA VAL B 292 -3.19 -8.16 34.83
C VAL B 292 -2.92 -9.57 35.33
N PRO B 293 -2.26 -9.70 36.49
CA PRO B 293 -1.97 -11.03 37.05
C PRO B 293 -3.22 -11.73 37.57
N HIS B 294 -3.33 -13.03 37.31
CA HIS B 294 -4.47 -13.81 37.78
C HIS B 294 -4.54 -13.73 39.31
N TYR B 295 -3.38 -13.87 39.93
CA TYR B 295 -3.27 -13.82 41.37
C TYR B 295 -2.04 -13.02 41.78
N TYR B 296 -1.97 -12.63 43.05
CA TYR B 296 -0.78 -11.97 43.56
C TYR B 296 -0.54 -12.36 45.01
N VAL B 297 0.72 -12.31 45.42
CA VAL B 297 1.11 -12.64 46.78
C VAL B 297 2.19 -11.66 47.26
N GLU B 298 2.26 -11.41 48.56
CA GLU B 298 3.30 -10.53 49.09
C GLU B 298 4.66 -11.13 48.77
N SER B 299 4.76 -12.44 48.92
CA SER B 299 5.98 -13.16 48.59
C SER B 299 5.64 -14.57 48.17
N ILE B 300 6.53 -15.21 47.43
CA ILE B 300 6.35 -16.59 47.03
C ILE B 300 6.34 -17.48 48.29
N ALA B 301 6.84 -16.94 49.39
CA ALA B 301 6.78 -17.63 50.68
C ALA B 301 5.34 -17.89 51.07
N ASP B 302 4.43 -17.04 50.59
CA ASP B 302 3.00 -17.18 50.86
C ASP B 302 2.40 -18.40 50.16
N LEU B 303 3.13 -18.97 49.20
CA LEU B 303 2.64 -20.12 48.45
C LEU B 303 2.71 -21.41 49.27
N MET B 304 3.54 -21.42 50.32
CA MET B 304 3.75 -22.62 51.12
C MET B 304 2.46 -23.14 51.75
N GLU B 305 1.62 -22.24 52.24
CA GLU B 305 0.37 -22.63 52.88
C GLU B 305 -0.58 -23.27 51.88
N GLY B 306 -0.29 -23.11 50.59
CA GLY B 306 -1.06 -23.76 49.55
C GLY B 306 -0.79 -25.25 49.47
N LEU B 307 0.34 -25.66 50.04
CA LEU B 307 0.74 -27.06 50.05
C LEU B 307 0.38 -27.72 51.38
N GLY C 4 4.54 -7.47 12.00
CA GLY C 4 4.30 -6.36 11.04
C GLY C 4 4.11 -6.89 9.63
N MET C 5 5.20 -7.37 9.03
CA MET C 5 5.16 -7.87 7.66
C MET C 5 4.45 -9.22 7.65
N ALA C 6 3.29 -9.27 7.00
CA ALA C 6 2.46 -10.46 7.00
C ALA C 6 3.21 -11.67 6.47
N ARG C 7 3.34 -12.68 7.33
CA ARG C 7 4.09 -13.89 6.99
C ARG C 7 3.18 -15.06 6.65
N CYS C 8 1.87 -14.81 6.62
CA CYS C 8 0.89 -15.88 6.36
C CYS C 8 1.01 -17.00 7.39
N GLU C 9 1.13 -16.60 8.66
CA GLU C 9 1.28 -17.55 9.75
C GLU C 9 -0.06 -18.12 10.19
N ARG C 10 -0.10 -19.42 10.51
CA ARG C 10 -1.31 -20.02 11.05
C ARG C 10 -1.58 -19.52 12.46
N LEU C 11 -2.78 -19.01 12.67
CA LEU C 11 -3.13 -18.43 13.95
C LEU C 11 -3.63 -19.49 14.91
N ARG C 12 -2.79 -19.88 15.86
CA ARG C 12 -3.18 -20.83 16.89
C ARG C 12 -2.56 -20.45 18.22
N GLY C 13 -3.04 -21.06 19.30
CA GLY C 13 -2.49 -20.86 20.63
C GLY C 13 -1.96 -19.47 20.92
N ALA C 14 -0.65 -19.36 21.17
CA ALA C 14 -0.06 -18.10 21.63
C ALA C 14 -0.39 -16.91 20.72
N ALA C 15 -0.14 -17.07 19.42
CA ALA C 15 -0.43 -16.01 18.46
C ALA C 15 -1.91 -15.69 18.42
N LEU C 16 -2.72 -16.75 18.47
CA LEU C 16 -4.17 -16.61 18.44
C LEU C 16 -4.66 -15.88 19.68
N ARG C 17 -4.04 -16.18 20.81
CA ARG C 17 -4.33 -15.52 22.07
C ARG C 17 -3.88 -14.07 22.09
N ASP C 18 -2.71 -13.80 21.52
CA ASP C 18 -2.14 -12.45 21.57
C ASP C 18 -2.99 -11.41 20.85
N VAL C 19 -3.00 -11.45 19.52
CA VAL C 19 -3.64 -10.39 18.75
C VAL C 19 -5.16 -10.37 18.93
N LEU C 20 -5.79 -11.53 18.87
CA LEU C 20 -7.23 -11.60 19.09
C LEU C 20 -7.56 -11.08 20.48
N GLY C 21 -6.75 -11.47 21.46
CA GLY C 21 -6.92 -11.00 22.82
C GLY C 21 -6.83 -9.49 22.90
N GLN C 22 -5.81 -8.95 22.23
CA GLN C 22 -5.56 -7.51 22.21
C GLN C 22 -6.53 -6.73 21.32
N ALA C 23 -7.13 -7.43 20.35
CA ALA C 23 -8.01 -6.78 19.38
C ALA C 23 -9.20 -6.10 20.06
N GLN C 24 -9.41 -4.83 19.72
CA GLN C 24 -10.55 -4.09 20.23
C GLN C 24 -11.82 -4.38 19.45
N GLY C 25 -11.66 -4.80 18.19
CA GLY C 25 -12.79 -5.10 17.35
C GLY C 25 -12.42 -6.04 16.22
N VAL C 26 -13.43 -6.58 15.55
CA VAL C 26 -13.21 -7.49 14.43
C VAL C 26 -14.14 -7.11 13.27
N LEU C 27 -13.59 -7.08 12.07
CA LEU C 27 -14.34 -6.73 10.88
C LEU C 27 -14.48 -7.96 10.00
N PHE C 28 -15.72 -8.33 9.67
CA PHE C 28 -15.97 -9.55 8.92
C PHE C 28 -16.57 -9.26 7.56
N ASP C 29 -15.99 -9.86 6.52
CA ASP C 29 -16.71 -10.03 5.27
C ASP C 29 -17.72 -11.13 5.56
N CYS C 30 -18.84 -11.11 4.84
CA CYS C 30 -19.92 -12.05 5.12
C CYS C 30 -19.81 -13.33 4.27
N ASP C 31 -19.84 -13.19 2.95
CA ASP C 31 -19.84 -14.35 2.07
C ASP C 31 -18.50 -15.06 2.05
N GLY C 32 -18.53 -16.36 2.35
CA GLY C 32 -17.34 -17.19 2.39
C GLY C 32 -16.67 -17.20 3.76
N VAL C 33 -17.25 -16.46 4.71
CA VAL C 33 -16.66 -16.34 6.04
C VAL C 33 -17.67 -16.79 7.09
N LEU C 34 -18.84 -16.17 7.05
CA LEU C 34 -19.92 -16.52 7.96
C LEU C 34 -20.75 -17.62 7.33
N TRP C 35 -20.73 -17.68 6.00
CA TRP C 35 -21.53 -18.65 5.29
C TRP C 35 -21.10 -18.75 3.83
N ASN C 36 -21.45 -19.87 3.20
CA ASN C 36 -21.31 -20.01 1.77
C ASN C 36 -22.68 -20.31 1.20
N GLY C 37 -23.31 -19.30 0.61
CA GLY C 37 -24.70 -19.42 0.20
C GLY C 37 -25.58 -19.42 1.45
N GLU C 38 -26.55 -20.31 1.49
CA GLU C 38 -27.44 -20.41 2.65
C GLU C 38 -26.89 -21.39 3.70
N ARG C 39 -25.74 -22.00 3.41
CA ARG C 39 -25.07 -22.87 4.38
C ARG C 39 -24.04 -22.10 5.19
N ILE C 40 -24.27 -22.00 6.50
CA ILE C 40 -23.41 -21.19 7.36
C ILE C 40 -22.23 -22.02 7.88
N VAL C 41 -21.13 -21.34 8.20
CA VAL C 41 -19.95 -21.99 8.75
C VAL C 41 -20.20 -22.42 10.18
N PRO C 42 -20.03 -23.72 10.47
CA PRO C 42 -20.26 -24.24 11.81
C PRO C 42 -19.59 -23.41 12.90
N GLY C 43 -20.35 -23.00 13.89
CA GLY C 43 -19.80 -22.28 15.03
C GLY C 43 -19.59 -20.80 14.75
N ALA C 44 -20.01 -20.33 13.58
CA ALA C 44 -19.84 -18.92 13.25
C ALA C 44 -20.68 -18.07 14.20
N PRO C 45 -21.95 -18.46 14.41
CA PRO C 45 -22.79 -17.74 15.38
C PRO C 45 -22.16 -17.72 16.77
N GLU C 46 -21.59 -18.85 17.18
CA GLU C 46 -20.97 -18.96 18.49
C GLU C 46 -19.80 -17.99 18.62
N LEU C 47 -19.03 -17.86 17.54
CA LEU C 47 -17.88 -16.96 17.55
C LEU C 47 -18.35 -15.53 17.82
N LEU C 48 -19.43 -15.15 17.17
CA LEU C 48 -19.96 -13.81 17.34
C LEU C 48 -20.47 -13.60 18.76
N GLN C 49 -21.24 -14.55 19.27
CA GLN C 49 -21.72 -14.48 20.64
C GLN C 49 -20.55 -14.27 21.60
N ARG C 50 -19.48 -15.02 21.39
CA ARG C 50 -18.34 -14.99 22.29
C ARG C 50 -17.51 -13.73 22.13
N LEU C 51 -17.46 -13.19 20.91
CA LEU C 51 -16.79 -11.92 20.67
C LEU C 51 -17.51 -10.79 21.38
N ALA C 52 -18.84 -10.82 21.33
CA ALA C 52 -19.66 -9.81 21.98
C ALA C 52 -19.39 -9.78 23.48
N ARG C 53 -19.43 -10.95 24.10
CA ARG C 53 -19.21 -11.06 25.54
C ARG C 53 -17.75 -10.75 25.91
N ALA C 54 -16.84 -10.98 24.97
CA ALA C 54 -15.43 -10.63 25.18
C ALA C 54 -15.25 -9.12 25.19
N GLY C 55 -16.29 -8.40 24.80
CA GLY C 55 -16.26 -6.94 24.81
C GLY C 55 -15.65 -6.37 23.55
N LYS C 56 -15.68 -7.15 22.47
CA LYS C 56 -15.10 -6.74 21.21
C LYS C 56 -16.17 -6.32 20.24
N ASN C 57 -15.99 -5.15 19.63
CA ASN C 57 -16.92 -4.67 18.63
C ASN C 57 -16.74 -5.46 17.34
N THR C 58 -17.83 -6.02 16.83
CA THR C 58 -17.80 -6.74 15.57
C THR C 58 -18.61 -5.98 14.54
N LEU C 59 -18.01 -5.77 13.37
CA LEU C 59 -18.70 -5.11 12.28
C LEU C 59 -18.65 -6.00 11.05
N PHE C 60 -19.60 -5.78 10.14
CA PHE C 60 -19.72 -6.63 8.96
C PHE C 60 -19.76 -5.79 7.69
N VAL C 61 -18.91 -6.16 6.73
CA VAL C 61 -18.73 -5.39 5.51
C VAL C 61 -19.02 -6.27 4.30
N SER C 62 -19.72 -5.71 3.32
CA SER C 62 -20.15 -6.46 2.17
C SER C 62 -20.16 -5.58 0.91
N ASN C 63 -19.76 -6.16 -0.22
CA ASN C 63 -19.82 -5.44 -1.48
C ASN C 63 -21.16 -5.64 -2.17
N ASN C 64 -22.04 -6.39 -1.52
CA ASN C 64 -23.39 -6.59 -2.03
C ASN C 64 -24.07 -5.24 -2.23
N SER C 65 -24.84 -5.12 -3.31
CA SER C 65 -25.55 -3.87 -3.60
C SER C 65 -27.02 -4.15 -3.90
N ARG C 66 -27.43 -5.39 -3.69
CA ARG C 66 -28.78 -5.84 -4.00
C ARG C 66 -29.69 -5.88 -2.76
N ARG C 67 -29.08 -5.83 -1.57
CA ARG C 67 -29.83 -5.97 -0.33
C ARG C 67 -29.65 -4.76 0.57
N ALA C 68 -30.76 -4.23 1.08
CA ALA C 68 -30.70 -3.03 1.92
C ALA C 68 -30.30 -3.45 3.33
N ARG C 69 -30.02 -2.47 4.18
CA ARG C 69 -29.56 -2.77 5.54
C ARG C 69 -30.57 -3.66 6.26
N PRO C 70 -31.86 -3.28 6.21
CA PRO C 70 -32.92 -4.07 6.85
C PRO C 70 -32.93 -5.52 6.38
N GLU C 71 -33.01 -5.71 5.06
CA GLU C 71 -33.13 -7.04 4.49
C GLU C 71 -31.88 -7.90 4.74
N LEU C 72 -30.76 -7.23 5.01
CA LEU C 72 -29.54 -7.94 5.33
C LEU C 72 -29.59 -8.42 6.77
N ALA C 73 -30.08 -7.56 7.65
CA ALA C 73 -30.24 -7.92 9.06
C ALA C 73 -31.10 -9.17 9.19
N LEU C 74 -32.18 -9.21 8.41
CA LEU C 74 -33.08 -10.36 8.42
C LEU C 74 -32.33 -11.62 8.00
N ARG C 75 -31.51 -11.49 6.96
CA ARG C 75 -30.72 -12.63 6.50
C ARG C 75 -29.89 -13.17 7.67
N PHE C 76 -29.28 -12.26 8.43
CA PHE C 76 -28.51 -12.64 9.61
C PHE C 76 -29.35 -13.38 10.66
N ALA C 77 -30.50 -12.81 11.01
CA ALA C 77 -31.36 -13.39 12.02
C ALA C 77 -31.89 -14.76 11.58
N ARG C 78 -32.42 -14.80 10.37
CA ARG C 78 -33.01 -16.01 9.81
C ARG C 78 -31.98 -17.13 9.66
N LEU C 79 -30.71 -16.75 9.49
CA LEU C 79 -29.65 -17.75 9.32
C LEU C 79 -29.00 -18.12 10.66
N GLY C 80 -29.61 -17.69 11.76
CA GLY C 80 -29.19 -18.09 13.09
C GLY C 80 -28.24 -17.14 13.79
N PHE C 81 -28.09 -15.93 13.26
CA PHE C 81 -27.27 -14.91 13.91
C PHE C 81 -28.17 -13.90 14.62
N ALA C 82 -28.13 -13.94 15.95
CA ALA C 82 -29.04 -13.16 16.77
C ALA C 82 -28.28 -12.09 17.56
N GLY C 83 -29.01 -11.10 18.06
CA GLY C 83 -28.41 -10.02 18.81
C GLY C 83 -27.63 -9.09 17.90
N LEU C 84 -28.03 -9.06 16.64
CA LEU C 84 -27.33 -8.27 15.64
C LEU C 84 -28.05 -6.94 15.42
N ARG C 85 -27.32 -5.84 15.57
CA ARG C 85 -27.87 -4.51 15.29
C ARG C 85 -27.59 -4.15 13.84
N ALA C 86 -28.54 -3.49 13.18
CA ALA C 86 -28.35 -3.09 11.80
C ALA C 86 -27.17 -2.11 11.69
N GLU C 87 -26.86 -1.41 12.78
CA GLU C 87 -25.77 -0.45 12.80
C GLU C 87 -24.42 -1.09 12.53
N GLN C 88 -24.34 -2.41 12.67
CA GLN C 88 -23.10 -3.14 12.44
C GLN C 88 -22.92 -3.52 10.97
N LEU C 89 -23.96 -3.31 10.17
CA LEU C 89 -23.96 -3.75 8.78
C LEU C 89 -23.55 -2.63 7.83
N PHE C 90 -22.55 -2.91 7.00
CA PHE C 90 -22.09 -1.94 6.01
C PHE C 90 -21.97 -2.55 4.62
N SER C 91 -22.86 -2.14 3.73
CA SER C 91 -22.85 -2.60 2.36
C SER C 91 -22.29 -1.51 1.45
N SER C 92 -21.87 -1.89 0.26
CA SER C 92 -21.35 -0.92 -0.71
C SER C 92 -22.44 0.09 -1.07
N ALA C 93 -23.69 -0.38 -1.12
CA ALA C 93 -24.82 0.48 -1.43
C ALA C 93 -25.02 1.53 -0.34
N LEU C 94 -24.90 1.10 0.91
CA LEU C 94 -25.03 2.01 2.04
C LEU C 94 -23.97 3.11 1.95
N CYS C 95 -22.72 2.69 1.80
CA CYS C 95 -21.59 3.61 1.80
C CYS C 95 -21.59 4.50 0.57
N ALA C 96 -22.21 4.01 -0.50
CA ALA C 96 -22.38 4.83 -1.69
C ALA C 96 -23.26 6.01 -1.31
N ALA C 97 -24.36 5.72 -0.61
CA ALA C 97 -25.26 6.76 -0.15
C ALA C 97 -24.53 7.73 0.77
N ARG C 98 -23.71 7.21 1.65
CA ARG C 98 -22.97 8.04 2.60
C ARG C 98 -22.02 8.98 1.86
N LEU C 99 -21.42 8.49 0.78
CA LEU C 99 -20.51 9.29 -0.01
C LEU C 99 -21.23 10.43 -0.69
N LEU C 100 -22.32 10.10 -1.40
CA LEU C 100 -23.08 11.12 -2.12
C LEU C 100 -23.59 12.20 -1.18
N ARG C 101 -24.10 11.79 -0.02
CA ARG C 101 -24.60 12.74 0.97
C ARG C 101 -23.50 13.74 1.33
N GLN C 102 -22.28 13.22 1.49
CA GLN C 102 -21.13 14.05 1.85
C GLN C 102 -20.71 14.96 0.69
N ARG C 103 -20.71 14.40 -0.52
CA ARG C 103 -20.24 15.13 -1.70
C ARG C 103 -21.30 16.12 -2.19
N LEU C 104 -22.56 15.73 -2.09
CA LEU C 104 -23.70 16.62 -2.38
C LEU C 104 -24.13 17.31 -1.08
N ALA C 105 -23.14 17.67 -0.27
CA ALA C 105 -23.35 18.22 1.05
C ALA C 105 -24.36 19.37 1.11
N GLY C 106 -24.41 20.17 0.05
CA GLY C 106 -25.21 21.39 0.08
C GLY C 106 -25.96 21.64 -1.20
N VAL C 107 -26.30 20.56 -1.90
CA VAL C 107 -27.07 20.66 -3.13
C VAL C 107 -28.55 20.45 -2.83
N PRO C 108 -29.41 21.34 -3.34
CA PRO C 108 -30.85 21.21 -3.09
C PRO C 108 -31.48 20.20 -4.05
N ASP C 109 -32.39 19.37 -3.53
CA ASP C 109 -33.07 18.37 -4.34
C ASP C 109 -32.06 17.54 -5.14
N PRO C 110 -31.08 16.94 -4.46
CA PRO C 110 -30.06 16.15 -5.14
C PRO C 110 -30.64 14.92 -5.83
N LYS C 111 -30.26 14.71 -7.09
CA LYS C 111 -30.75 13.55 -7.85
C LYS C 111 -29.58 12.74 -8.38
N ALA C 112 -29.76 11.43 -8.47
CA ALA C 112 -28.72 10.57 -9.03
C ALA C 112 -29.31 9.60 -10.05
N TYR C 113 -28.58 9.39 -11.14
CA TYR C 113 -28.93 8.37 -12.11
C TYR C 113 -28.31 7.07 -11.64
N VAL C 114 -29.13 6.06 -11.44
CA VAL C 114 -28.70 4.83 -10.81
C VAL C 114 -28.80 3.63 -11.74
N LEU C 115 -27.65 3.10 -12.12
CA LEU C 115 -27.59 1.82 -12.81
C LEU C 115 -27.39 0.77 -11.72
N GLY C 116 -28.48 0.39 -11.07
CA GLY C 116 -28.38 -0.52 -9.95
C GLY C 116 -29.71 -1.01 -9.44
N SER C 117 -29.70 -1.51 -8.22
CA SER C 117 -30.85 -2.20 -7.64
C SER C 117 -31.79 -1.21 -6.98
N PRO C 118 -33.04 -1.63 -6.76
CA PRO C 118 -34.00 -0.83 -5.98
C PRO C 118 -33.47 -0.54 -4.58
N ALA C 119 -32.69 -1.47 -4.04
CA ALA C 119 -32.09 -1.29 -2.73
C ALA C 119 -31.11 -0.12 -2.76
N LEU C 120 -30.20 -0.15 -3.72
CA LEU C 120 -29.24 0.93 -3.87
C LEU C 120 -29.96 2.27 -3.91
N ALA C 121 -31.10 2.30 -4.62
CA ALA C 121 -31.92 3.50 -4.68
C ALA C 121 -32.42 3.87 -3.29
N ALA C 122 -32.87 2.87 -2.54
CA ALA C 122 -33.41 3.09 -1.20
C ALA C 122 -32.37 3.69 -0.27
N GLU C 123 -31.14 3.19 -0.33
CA GLU C 123 -30.07 3.74 0.50
C GLU C 123 -29.84 5.20 0.16
N LEU C 124 -29.97 5.53 -1.13
CA LEU C 124 -29.86 6.91 -1.56
C LEU C 124 -31.07 7.72 -1.12
N GLU C 125 -32.26 7.14 -1.28
CA GLU C 125 -33.50 7.83 -0.94
C GLU C 125 -33.63 8.02 0.57
N ALA C 126 -32.95 7.16 1.33
CA ALA C 126 -32.94 7.27 2.78
C ALA C 126 -32.00 8.39 3.20
N VAL C 127 -31.05 8.69 2.33
CA VAL C 127 -30.03 9.70 2.60
C VAL C 127 -30.38 11.05 1.97
N GLY C 128 -31.52 11.12 1.28
CA GLY C 128 -32.00 12.36 0.72
C GLY C 128 -31.74 12.53 -0.77
N VAL C 129 -31.09 11.54 -1.37
CA VAL C 129 -30.80 11.59 -2.79
C VAL C 129 -31.88 10.86 -3.59
N THR C 130 -32.54 11.59 -4.47
CA THR C 130 -33.56 11.02 -5.35
C THR C 130 -32.88 10.19 -6.42
N SER C 131 -33.59 9.21 -6.95
CA SER C 131 -33.02 8.26 -7.90
C SER C 131 -33.87 8.06 -9.15
N VAL C 132 -33.19 7.81 -10.27
CA VAL C 132 -33.87 7.43 -11.50
C VAL C 132 -32.95 6.50 -12.28
N GLY C 133 -33.52 5.66 -13.14
CA GLY C 133 -32.73 4.79 -13.99
C GLY C 133 -32.84 3.32 -13.59
N VAL C 134 -33.30 3.08 -12.38
CA VAL C 134 -33.49 1.71 -11.92
C VAL C 134 -34.54 1.04 -12.80
N GLY C 135 -34.31 -0.22 -13.15
CA GLY C 135 -35.25 -0.97 -13.96
C GLY C 135 -34.81 -1.10 -15.40
N PRO C 136 -35.65 -1.71 -16.23
CA PRO C 136 -35.33 -1.91 -17.65
C PRO C 136 -35.33 -0.59 -18.42
N ASP C 137 -34.34 -0.43 -19.29
CA ASP C 137 -34.29 0.72 -20.19
C ASP C 137 -34.02 0.22 -21.60
N VAL C 138 -35.06 -0.23 -22.29
CA VAL C 138 -34.91 -0.79 -23.62
C VAL C 138 -34.50 0.27 -24.63
N LEU C 139 -33.70 -0.14 -25.60
CA LEU C 139 -33.23 0.74 -26.65
C LEU C 139 -34.24 0.79 -27.78
N HIS C 140 -34.83 1.95 -28.01
CA HIS C 140 -35.67 2.14 -29.19
C HIS C 140 -35.16 3.34 -29.98
N GLY C 141 -35.44 3.32 -31.28
CA GLY C 141 -34.93 4.32 -32.20
C GLY C 141 -34.04 3.58 -33.19
N ASP C 142 -33.84 4.15 -34.37
CA ASP C 142 -33.08 3.48 -35.41
C ASP C 142 -31.58 3.62 -35.20
N GLY C 143 -31.15 4.84 -34.83
CA GLY C 143 -29.74 5.13 -34.67
C GLY C 143 -29.46 6.12 -33.56
N PRO C 144 -28.21 6.59 -33.47
CA PRO C 144 -27.69 7.54 -32.47
C PRO C 144 -28.52 8.80 -32.29
N SER C 145 -28.91 9.45 -33.38
CA SER C 145 -29.65 10.71 -33.29
C SER C 145 -30.91 10.54 -32.46
N ASP C 146 -31.51 9.36 -32.51
CA ASP C 146 -32.68 9.04 -31.70
C ASP C 146 -32.30 8.80 -30.25
N TRP C 147 -31.20 8.06 -30.04
CA TRP C 147 -30.75 7.71 -28.69
C TRP C 147 -30.34 8.96 -27.91
N LEU C 148 -29.75 9.92 -28.60
CA LEU C 148 -29.22 11.13 -27.96
C LEU C 148 -30.28 12.22 -27.80
N ALA C 149 -31.46 12.02 -28.38
CA ALA C 149 -32.53 13.00 -28.29
C ALA C 149 -33.50 12.67 -27.16
N VAL C 150 -33.27 11.56 -26.46
CA VAL C 150 -34.12 11.18 -25.34
C VAL C 150 -33.97 12.17 -24.20
N PRO C 151 -35.09 12.78 -23.76
CA PRO C 151 -35.04 13.74 -22.66
C PRO C 151 -34.66 13.08 -21.33
N LEU C 152 -33.71 13.70 -20.62
CA LEU C 152 -33.22 13.16 -19.36
C LEU C 152 -33.79 13.96 -18.19
N GLU C 153 -33.43 13.56 -16.99
CA GLU C 153 -33.82 14.28 -15.79
C GLU C 153 -32.79 15.37 -15.55
N PRO C 154 -33.23 16.62 -15.44
CA PRO C 154 -32.32 17.78 -15.36
C PRO C 154 -31.54 17.92 -14.06
N ASP C 155 -32.10 17.45 -12.95
CA ASP C 155 -31.49 17.69 -11.64
C ASP C 155 -30.41 16.68 -11.26
N VAL C 156 -30.14 15.72 -12.14
CA VAL C 156 -29.15 14.68 -11.85
C VAL C 156 -27.75 15.25 -11.63
N ARG C 157 -27.18 14.94 -10.46
CA ARG C 157 -25.83 15.39 -10.12
C ARG C 157 -24.88 14.23 -9.82
N ALA C 158 -25.29 13.01 -10.13
CA ALA C 158 -24.42 11.86 -9.96
C ALA C 158 -24.87 10.65 -10.76
N VAL C 159 -23.91 9.92 -11.30
CA VAL C 159 -24.16 8.61 -11.89
C VAL C 159 -23.62 7.56 -10.94
N VAL C 160 -24.49 6.66 -10.51
CA VAL C 160 -24.08 5.60 -9.60
C VAL C 160 -24.25 4.25 -10.26
N VAL C 161 -23.13 3.58 -10.47
CA VAL C 161 -23.14 2.25 -11.08
C VAL C 161 -23.02 1.20 -9.99
N GLY C 162 -24.11 0.47 -9.77
CA GLY C 162 -24.11 -0.68 -8.89
C GLY C 162 -24.29 -1.94 -9.71
N PHE C 163 -24.79 -2.99 -9.07
CA PHE C 163 -25.10 -4.19 -9.81
C PHE C 163 -26.44 -3.97 -10.47
N ASP C 164 -26.49 -4.16 -11.77
CA ASP C 164 -27.69 -3.86 -12.54
C ASP C 164 -27.89 -4.91 -13.62
N PRO C 165 -28.82 -5.84 -13.39
CA PRO C 165 -29.09 -6.85 -14.41
C PRO C 165 -29.85 -6.26 -15.60
N HIS C 166 -30.24 -5.00 -15.50
CA HIS C 166 -30.92 -4.32 -16.60
C HIS C 166 -29.97 -3.39 -17.35
N PHE C 167 -28.68 -3.52 -17.07
CA PHE C 167 -27.66 -2.73 -17.74
C PHE C 167 -27.78 -2.90 -19.25
N SER C 168 -27.84 -1.78 -19.97
CA SER C 168 -27.95 -1.83 -21.43
C SER C 168 -27.16 -0.68 -22.07
N TYR C 169 -27.02 -0.73 -23.39
CA TYR C 169 -26.30 0.32 -24.09
C TYR C 169 -27.03 1.66 -23.95
N MET C 170 -28.34 1.62 -23.80
CA MET C 170 -29.10 2.84 -23.56
C MET C 170 -28.75 3.45 -22.21
N LYS C 171 -28.68 2.61 -21.18
CA LYS C 171 -28.31 3.08 -19.84
C LYS C 171 -26.88 3.62 -19.86
N LEU C 172 -26.02 2.95 -20.61
CA LEU C 172 -24.63 3.37 -20.74
C LEU C 172 -24.60 4.74 -21.37
N THR C 173 -25.46 4.93 -22.38
CA THR C 173 -25.51 6.17 -23.13
C THR C 173 -25.99 7.30 -22.23
N LYS C 174 -27.06 7.06 -21.49
CA LYS C 174 -27.59 8.06 -20.56
C LYS C 174 -26.52 8.46 -19.55
N ALA C 175 -25.79 7.48 -19.04
CA ALA C 175 -24.74 7.73 -18.06
C ALA C 175 -23.68 8.68 -18.63
N VAL C 176 -23.24 8.40 -19.85
CA VAL C 176 -22.21 9.20 -20.52
C VAL C 176 -22.66 10.65 -20.73
N ARG C 177 -23.92 10.82 -21.12
CA ARG C 177 -24.48 12.14 -21.33
C ARG C 177 -24.52 12.95 -20.04
N TYR C 178 -24.95 12.32 -18.95
CA TYR C 178 -24.95 12.97 -17.65
C TYR C 178 -23.54 13.40 -17.28
N LEU C 179 -22.57 12.56 -17.62
CA LEU C 179 -21.18 12.79 -17.23
C LEU C 179 -20.47 13.81 -18.12
N GLN C 180 -21.15 14.28 -19.16
CA GLN C 180 -20.60 15.31 -20.02
C GLN C 180 -20.43 16.61 -19.23
N GLN C 181 -21.30 16.80 -18.25
CA GLN C 181 -21.10 17.85 -17.26
C GLN C 181 -20.07 17.36 -16.24
N PRO C 182 -18.88 17.98 -16.24
CA PRO C 182 -17.79 17.49 -15.38
C PRO C 182 -18.14 17.51 -13.90
N ASP C 183 -18.97 18.47 -13.49
CA ASP C 183 -19.38 18.59 -12.09
C ASP C 183 -20.13 17.35 -11.60
N CYS C 184 -20.71 16.59 -12.53
CA CYS C 184 -21.43 15.37 -12.18
C CYS C 184 -20.47 14.36 -11.58
N LEU C 185 -20.98 13.53 -10.67
CA LEU C 185 -20.18 12.55 -9.97
C LEU C 185 -20.31 11.20 -10.63
N LEU C 186 -19.25 10.40 -10.58
CA LEU C 186 -19.34 9.01 -11.02
C LEU C 186 -18.92 8.08 -9.90
N VAL C 187 -19.86 7.26 -9.44
CA VAL C 187 -19.61 6.38 -8.31
C VAL C 187 -19.86 4.93 -8.71
N GLY C 188 -18.93 4.06 -8.33
CA GLY C 188 -19.09 2.63 -8.51
C GLY C 188 -19.14 1.94 -7.16
N THR C 189 -20.18 1.14 -6.94
CA THR C 189 -20.36 0.48 -5.66
C THR C 189 -19.23 -0.50 -5.36
N ASN C 190 -18.76 -1.20 -6.39
CA ASN C 190 -17.63 -2.13 -6.27
C ASN C 190 -17.05 -2.48 -7.64
N MET C 191 -15.81 -2.96 -7.68
CA MET C 191 -15.13 -3.25 -8.94
C MET C 191 -14.94 -4.76 -9.19
N ASP C 192 -15.72 -5.58 -8.49
CA ASP C 192 -15.58 -7.03 -8.60
C ASP C 192 -15.91 -7.50 -10.03
N ASN C 193 -15.08 -8.40 -10.54
CA ASN C 193 -15.24 -8.93 -11.89
C ASN C 193 -16.44 -9.87 -12.00
N ARG C 194 -16.75 -10.54 -10.89
CA ARG C 194 -17.80 -11.54 -10.86
C ARG C 194 -18.65 -11.45 -9.60
N LEU C 195 -19.93 -11.81 -9.72
CA LEU C 195 -20.82 -11.92 -8.57
C LEU C 195 -21.01 -13.39 -8.18
N PRO C 196 -20.43 -13.81 -7.05
CA PRO C 196 -20.59 -15.20 -6.58
C PRO C 196 -22.04 -15.57 -6.33
N LEU C 197 -22.43 -16.79 -6.71
CA LEU C 197 -23.81 -17.23 -6.53
C LEU C 197 -23.87 -18.37 -5.52
N GLU C 198 -25.09 -18.76 -5.14
CA GLU C 198 -25.28 -19.68 -4.01
C GLU C 198 -24.40 -20.92 -4.07
N ASN C 199 -24.46 -21.67 -5.17
CA ASN C 199 -23.79 -22.96 -5.25
C ASN C 199 -22.47 -22.95 -6.00
N GLY C 200 -21.67 -21.90 -5.84
CA GLY C 200 -20.36 -21.85 -6.47
C GLY C 200 -20.39 -21.30 -7.88
N ARG C 201 -21.58 -20.99 -8.37
CA ARG C 201 -21.74 -20.39 -9.69
C ARG C 201 -21.36 -18.92 -9.62
N PHE C 202 -21.43 -18.23 -10.75
CA PHE C 202 -21.18 -16.80 -10.77
C PHE C 202 -21.75 -16.13 -12.00
N ILE C 203 -21.85 -14.81 -11.94
CA ILE C 203 -22.25 -14.01 -13.09
C ILE C 203 -21.41 -12.75 -13.12
N ALA C 204 -21.53 -11.98 -14.20
CA ALA C 204 -20.73 -10.79 -14.39
C ALA C 204 -20.84 -9.86 -13.18
N GLY C 205 -19.70 -9.34 -12.74
CA GLY C 205 -19.66 -8.47 -11.58
C GLY C 205 -19.82 -6.99 -11.91
N THR C 206 -20.22 -6.23 -10.90
CA THR C 206 -20.48 -4.80 -11.05
C THR C 206 -19.33 -4.06 -11.72
N GLY C 207 -18.11 -4.49 -11.41
CA GLY C 207 -16.91 -3.85 -11.94
C GLY C 207 -16.85 -3.83 -13.46
N CYS C 208 -17.54 -4.76 -14.11
CA CYS C 208 -17.57 -4.81 -15.56
C CYS C 208 -18.37 -3.64 -16.11
N LEU C 209 -19.48 -3.35 -15.44
CA LEU C 209 -20.36 -2.26 -15.86
C LEU C 209 -19.71 -0.92 -15.57
N VAL C 210 -19.02 -0.85 -14.43
CA VAL C 210 -18.36 0.38 -14.02
C VAL C 210 -17.28 0.73 -15.01
N ARG C 211 -16.45 -0.25 -15.36
CA ARG C 211 -15.36 -0.03 -16.29
C ARG C 211 -15.90 0.43 -17.63
N ALA C 212 -17.05 -0.11 -18.01
CA ALA C 212 -17.70 0.25 -19.26
C ALA C 212 -18.08 1.74 -19.25
N VAL C 213 -18.71 2.18 -18.17
CA VAL C 213 -19.08 3.58 -18.01
C VAL C 213 -17.82 4.47 -17.94
N GLU C 214 -16.80 3.99 -17.23
CA GLU C 214 -15.54 4.73 -17.12
C GLU C 214 -14.91 4.97 -18.49
N MET C 215 -14.83 3.93 -19.31
CA MET C 215 -14.21 4.02 -20.63
C MET C 215 -14.98 4.99 -21.52
N ALA C 216 -16.29 4.81 -21.60
CA ALA C 216 -17.13 5.66 -22.44
C ALA C 216 -17.06 7.12 -22.01
N ALA C 217 -17.21 7.36 -20.71
CA ALA C 217 -17.20 8.72 -20.17
C ALA C 217 -15.78 9.22 -19.91
N GLN C 218 -14.79 8.34 -20.10
CA GLN C 218 -13.41 8.71 -19.83
C GLN C 218 -13.30 9.35 -18.45
N ARG C 219 -13.71 8.61 -17.44
CA ARG C 219 -13.70 9.06 -16.06
C ARG C 219 -13.11 7.94 -15.20
N GLN C 220 -12.47 8.30 -14.10
CA GLN C 220 -12.12 7.30 -13.09
C GLN C 220 -13.17 7.40 -12.00
N ALA C 221 -14.04 6.40 -11.93
CA ALA C 221 -15.13 6.40 -10.95
C ALA C 221 -14.60 6.28 -9.54
N ASP C 222 -15.32 6.88 -8.59
CA ASP C 222 -15.05 6.69 -7.18
C ASP C 222 -15.63 5.36 -6.74
N ILE C 223 -14.77 4.47 -6.25
CA ILE C 223 -15.21 3.14 -5.83
C ILE C 223 -15.43 3.08 -4.31
N ILE C 224 -16.54 2.46 -3.91
CA ILE C 224 -16.90 2.35 -2.50
C ILE C 224 -16.40 1.04 -1.86
N GLY C 225 -16.80 -0.08 -2.43
CA GLY C 225 -16.56 -1.39 -1.83
C GLY C 225 -15.11 -1.83 -1.80
N LYS C 226 -14.85 -2.88 -1.01
CA LYS C 226 -13.52 -3.46 -0.88
C LYS C 226 -13.00 -3.89 -2.25
N PRO C 227 -11.68 -3.74 -2.48
CA PRO C 227 -10.69 -3.30 -1.50
C PRO C 227 -10.52 -1.77 -1.41
N SER C 228 -11.52 -1.00 -1.81
CA SER C 228 -11.42 0.46 -1.72
C SER C 228 -11.44 0.94 -0.27
N PRO C 229 -10.42 1.72 0.12
CA PRO C 229 -10.32 2.24 1.50
C PRO C 229 -11.55 3.03 1.95
N TYR C 230 -12.40 3.46 1.02
CA TYR C 230 -13.55 4.26 1.41
C TYR C 230 -14.50 3.49 2.29
N MET C 231 -14.56 2.17 2.08
CA MET C 231 -15.40 1.30 2.87
C MET C 231 -15.09 1.54 4.35
N PHE C 232 -13.80 1.69 4.64
CA PHE C 232 -13.35 1.96 6.00
C PHE C 232 -13.75 3.35 6.47
N GLN C 233 -13.52 4.35 5.63
CA GLN C 233 -13.94 5.70 5.92
C GLN C 233 -15.44 5.72 6.25
N CYS C 234 -16.22 5.01 5.43
CA CYS C 234 -17.66 4.91 5.65
C CYS C 234 -17.95 4.39 7.06
N ILE C 235 -17.15 3.43 7.51
CA ILE C 235 -17.30 2.83 8.83
C ILE C 235 -16.83 3.74 9.95
N THR C 236 -15.67 4.37 9.76
CA THR C 236 -15.08 5.20 10.82
C THR C 236 -15.91 6.46 11.09
N GLU C 237 -16.84 6.76 10.20
CA GLU C 237 -17.79 7.85 10.44
C GLU C 237 -18.78 7.44 11.52
N ASP C 238 -19.00 6.14 11.63
CA ASP C 238 -20.00 5.60 12.55
C ASP C 238 -19.33 5.09 13.82
N PHE C 239 -18.17 4.45 13.65
CA PHE C 239 -17.47 3.81 14.77
C PHE C 239 -16.03 4.30 14.89
N SER C 240 -15.53 4.35 16.12
CA SER C 240 -14.12 4.65 16.34
C SER C 240 -13.33 3.37 16.22
N VAL C 241 -12.63 3.21 15.11
CA VAL C 241 -11.90 1.98 14.85
C VAL C 241 -10.42 2.22 14.70
N ASP C 242 -9.66 1.83 15.72
CA ASP C 242 -8.21 1.85 15.65
C ASP C 242 -7.75 0.63 14.85
N PRO C 243 -7.36 0.83 13.59
CA PRO C 243 -7.02 -0.31 12.72
C PRO C 243 -5.92 -1.20 13.30
N ALA C 244 -5.03 -0.63 14.10
CA ALA C 244 -3.96 -1.39 14.72
C ALA C 244 -4.52 -2.41 15.71
N ARG C 245 -5.72 -2.13 16.20
CA ARG C 245 -6.38 -2.99 17.17
C ARG C 245 -7.65 -3.62 16.59
N THR C 246 -7.72 -3.68 15.27
CA THR C 246 -8.88 -4.25 14.60
C THR C 246 -8.46 -5.31 13.60
N LEU C 247 -9.17 -6.45 13.63
CA LEU C 247 -8.89 -7.54 12.72
C LEU C 247 -9.82 -7.47 11.51
N MET C 248 -9.25 -7.62 10.32
CA MET C 248 -10.03 -7.78 9.11
C MET C 248 -10.04 -9.25 8.71
N VAL C 249 -11.21 -9.84 8.63
CA VAL C 249 -11.35 -11.25 8.32
C VAL C 249 -12.11 -11.42 7.01
N GLY C 250 -11.51 -12.14 6.07
CA GLY C 250 -12.13 -12.34 4.78
C GLY C 250 -11.73 -13.63 4.10
N ASP C 251 -12.50 -14.01 3.08
CA ASP C 251 -12.21 -15.22 2.32
C ASP C 251 -11.35 -14.93 1.09
N ARG C 252 -11.48 -13.73 0.54
CA ARG C 252 -10.74 -13.39 -0.68
C ARG C 252 -9.55 -12.48 -0.42
N LEU C 253 -8.44 -12.78 -1.09
CA LEU C 253 -7.18 -12.09 -0.87
C LEU C 253 -7.20 -10.75 -1.57
N GLU C 254 -7.78 -10.72 -2.76
CA GLU C 254 -7.74 -9.56 -3.63
C GLU C 254 -8.77 -8.50 -3.23
N THR C 255 -9.72 -8.87 -2.39
CA THR C 255 -10.73 -7.91 -1.92
C THR C 255 -10.57 -7.64 -0.43
N ASP C 256 -10.72 -8.68 0.39
CA ASP C 256 -10.75 -8.52 1.84
C ASP C 256 -9.38 -8.25 2.43
N ILE C 257 -8.39 -9.04 2.02
CA ILE C 257 -7.05 -8.93 2.58
C ILE C 257 -6.38 -7.64 2.10
N LEU C 258 -6.45 -7.39 0.80
CA LEU C 258 -5.91 -6.17 0.25
C LEU C 258 -6.54 -4.98 0.97
N PHE C 259 -7.82 -5.10 1.28
CA PHE C 259 -8.54 -4.06 2.01
C PHE C 259 -7.92 -3.82 3.38
N GLY C 260 -7.65 -4.91 4.09
CA GLY C 260 -7.05 -4.83 5.40
C GLY C 260 -5.72 -4.12 5.40
N HIS C 261 -4.83 -4.51 4.49
CA HIS C 261 -3.51 -3.90 4.42
C HIS C 261 -3.59 -2.40 4.13
N ARG C 262 -4.50 -2.01 3.25
CA ARG C 262 -4.65 -0.61 2.86
C ARG C 262 -5.15 0.23 4.03
N CYS C 263 -5.87 -0.40 4.95
CA CYS C 263 -6.43 0.29 6.11
C CYS C 263 -5.57 0.12 7.37
N GLY C 264 -4.55 -0.74 7.28
CA GLY C 264 -3.64 -0.94 8.40
C GLY C 264 -4.18 -1.90 9.45
N MET C 265 -5.15 -2.72 9.07
CA MET C 265 -5.69 -3.72 9.97
C MET C 265 -4.89 -5.02 9.86
N THR C 266 -4.86 -5.77 10.96
CA THR C 266 -4.28 -7.10 10.93
C THR C 266 -5.23 -8.03 10.20
N THR C 267 -4.72 -8.66 9.14
CA THR C 267 -5.57 -9.43 8.25
C THR C 267 -5.56 -10.91 8.58
N VAL C 268 -6.74 -11.52 8.48
CA VAL C 268 -6.89 -12.95 8.75
C VAL C 268 -7.67 -13.59 7.62
N LEU C 269 -7.02 -14.49 6.89
CA LEU C 269 -7.66 -15.22 5.81
C LEU C 269 -8.34 -16.47 6.35
N THR C 270 -9.62 -16.63 6.08
CA THR C 270 -10.32 -17.86 6.41
C THR C 270 -10.38 -18.70 5.14
N LEU C 271 -10.11 -20.00 5.29
CA LEU C 271 -9.97 -20.89 4.15
C LEU C 271 -11.28 -21.59 3.78
N THR C 272 -12.38 -21.11 4.32
CA THR C 272 -13.69 -21.69 3.99
C THR C 272 -14.33 -21.00 2.79
N GLY C 273 -13.58 -20.13 2.12
CA GLY C 273 -14.14 -19.34 1.04
C GLY C 273 -13.38 -19.43 -0.27
N VAL C 274 -13.35 -18.33 -0.99
CA VAL C 274 -12.86 -18.30 -2.36
C VAL C 274 -11.38 -18.64 -2.46
N SER C 275 -10.55 -17.97 -1.67
CA SER C 275 -9.11 -18.15 -1.75
C SER C 275 -8.64 -19.41 -1.04
N SER C 276 -7.51 -19.94 -1.49
CA SER C 276 -6.92 -21.12 -0.90
C SER C 276 -5.56 -20.75 -0.32
N LEU C 277 -5.05 -21.58 0.57
CA LEU C 277 -3.77 -21.33 1.21
C LEU C 277 -2.65 -21.25 0.16
N GLU C 278 -2.78 -22.07 -0.88
CA GLU C 278 -1.78 -22.12 -1.95
C GLU C 278 -1.53 -20.76 -2.58
N GLU C 279 -2.61 -20.01 -2.80
CA GLU C 279 -2.52 -18.71 -3.44
C GLU C 279 -1.80 -17.71 -2.54
N ALA C 280 -2.08 -17.79 -1.24
CA ALA C 280 -1.46 -16.92 -0.26
C ALA C 280 0.05 -17.10 -0.27
N GLN C 281 0.49 -18.35 -0.27
CA GLN C 281 1.93 -18.66 -0.27
C GLN C 281 2.57 -18.20 -1.57
N ALA C 282 1.79 -18.22 -2.66
CA ALA C 282 2.28 -17.77 -3.95
C ALA C 282 2.64 -16.28 -3.93
N TYR C 283 1.77 -15.48 -3.32
CA TYR C 283 1.99 -14.03 -3.19
C TYR C 283 3.17 -13.70 -2.28
N LEU C 284 3.26 -14.41 -1.15
CA LEU C 284 4.34 -14.24 -0.19
C LEU C 284 5.65 -14.57 -0.88
N THR C 285 5.58 -15.62 -1.71
CA THR C 285 6.73 -16.12 -2.45
C THR C 285 7.13 -15.12 -3.52
N ALA C 286 6.17 -14.31 -3.94
CA ALA C 286 6.36 -13.40 -5.06
C ALA C 286 6.71 -12.00 -4.58
N GLY C 287 6.50 -11.76 -3.29
CA GLY C 287 6.89 -10.51 -2.67
C GLY C 287 5.79 -9.47 -2.76
N GLN C 288 4.59 -9.88 -3.15
CA GLN C 288 3.48 -8.95 -3.27
C GLN C 288 2.79 -8.83 -1.93
N ARG C 289 3.31 -7.91 -1.13
CA ARG C 289 3.04 -7.82 0.31
C ARG C 289 1.60 -7.46 0.64
N ASP C 290 0.88 -6.84 -0.29
CA ASP C 290 -0.43 -6.29 0.02
C ASP C 290 -1.52 -7.34 -0.11
N LEU C 291 -1.16 -8.52 -0.61
CA LEU C 291 -2.13 -9.61 -0.72
C LEU C 291 -1.75 -10.81 0.15
N VAL C 292 -0.76 -10.64 1.01
CA VAL C 292 -0.36 -11.70 1.93
C VAL C 292 -1.03 -11.50 3.27
N PRO C 293 -1.84 -12.47 3.70
CA PRO C 293 -2.50 -12.32 5.01
C PRO C 293 -1.52 -12.47 6.16
N HIS C 294 -1.65 -11.62 7.17
CA HIS C 294 -0.79 -11.71 8.34
C HIS C 294 -0.94 -13.08 8.96
N TYR C 295 -2.20 -13.52 9.06
CA TYR C 295 -2.52 -14.80 9.65
C TYR C 295 -3.60 -15.50 8.83
N TYR C 296 -3.79 -16.79 9.09
CA TYR C 296 -4.88 -17.52 8.44
C TYR C 296 -5.44 -18.61 9.34
N VAL C 297 -6.71 -18.94 9.13
CA VAL C 297 -7.36 -20.01 9.88
C VAL C 297 -8.20 -20.85 8.91
N GLU C 298 -8.34 -22.14 9.21
CA GLU C 298 -9.15 -23.02 8.37
C GLU C 298 -10.59 -22.55 8.39
N SER C 299 -11.06 -22.12 9.55
CA SER C 299 -12.38 -21.53 9.68
C SER C 299 -12.37 -20.52 10.80
N ILE C 300 -13.29 -19.55 10.76
CA ILE C 300 -13.36 -18.54 11.81
C ILE C 300 -13.69 -19.17 13.16
N ALA C 301 -14.21 -20.39 13.12
CA ALA C 301 -14.48 -21.13 14.35
C ALA C 301 -13.21 -21.34 15.16
N ASP C 302 -12.07 -21.37 14.46
CA ASP C 302 -10.77 -21.57 15.12
C ASP C 302 -10.40 -20.39 16.02
N LEU C 303 -11.08 -19.27 15.84
CA LEU C 303 -10.74 -18.06 16.57
C LEU C 303 -11.19 -18.09 18.03
N MET C 304 -12.16 -18.95 18.33
CA MET C 304 -12.75 -18.98 19.66
C MET C 304 -11.74 -19.27 20.76
N GLU C 305 -10.81 -20.19 20.51
CA GLU C 305 -9.83 -20.57 21.52
C GLU C 305 -8.91 -19.40 21.88
N GLY C 306 -8.94 -18.35 21.08
CA GLY C 306 -8.20 -17.14 21.39
C GLY C 306 -8.85 -16.34 22.50
N LEU C 307 -10.11 -16.64 22.77
CA LEU C 307 -10.87 -15.96 23.81
C LEU C 307 -10.89 -16.78 25.08
N GLY D 4 12.13 6.15 -39.28
CA GLY D 4 12.22 5.40 -37.99
C GLY D 4 11.61 6.19 -36.84
N MET D 5 12.27 7.27 -36.47
CA MET D 5 11.84 8.09 -35.34
C MET D 5 10.98 9.24 -35.85
N ALA D 6 9.70 9.21 -35.50
CA ALA D 6 8.76 10.23 -35.96
C ALA D 6 9.15 11.59 -35.45
N ARG D 7 9.43 12.51 -36.37
CA ARG D 7 9.86 13.85 -36.01
C ARG D 7 8.66 14.78 -36.09
N CYS D 8 7.51 14.22 -36.46
CA CYS D 8 6.28 14.98 -36.61
C CYS D 8 6.46 16.17 -37.55
N GLU D 9 7.14 15.95 -38.66
CA GLU D 9 7.40 17.01 -39.63
C GLU D 9 6.21 17.23 -40.55
N ARG D 10 5.92 18.49 -40.90
CA ARG D 10 4.89 18.77 -41.88
C ARG D 10 5.40 18.32 -43.24
N LEU D 11 4.63 17.48 -43.93
CA LEU D 11 5.07 16.89 -45.18
C LEU D 11 4.80 17.81 -46.37
N ARG D 12 5.86 18.43 -46.88
CA ARG D 12 5.72 19.37 -47.99
C ARG D 12 6.89 19.30 -48.98
N GLY D 13 6.71 19.92 -50.13
CA GLY D 13 7.75 20.02 -51.15
C GLY D 13 8.70 18.85 -51.32
N ALA D 14 9.99 19.08 -51.07
CA ALA D 14 11.02 18.09 -51.35
C ALA D 14 10.75 16.75 -50.69
N ALA D 15 10.53 16.79 -49.38
CA ALA D 15 10.26 15.57 -48.61
C ALA D 15 8.97 14.90 -49.09
N LEU D 16 7.96 15.71 -49.40
CA LEU D 16 6.66 15.20 -49.82
C LEU D 16 6.71 14.43 -51.13
N ARG D 17 7.47 14.93 -52.11
CA ARG D 17 7.60 14.23 -53.38
C ARG D 17 8.40 12.95 -53.19
N ASP D 18 9.40 13.01 -52.32
CA ASP D 18 10.23 11.85 -52.03
C ASP D 18 9.37 10.72 -51.47
N VAL D 19 8.83 10.95 -50.27
CA VAL D 19 8.13 9.90 -49.55
C VAL D 19 6.88 9.36 -50.26
N LEU D 20 6.02 10.25 -50.74
CA LEU D 20 4.84 9.81 -51.49
C LEU D 20 5.27 9.14 -52.79
N GLY D 21 6.25 9.75 -53.45
CA GLY D 21 6.78 9.24 -54.70
C GLY D 21 7.29 7.82 -54.61
N GLN D 22 8.01 7.53 -53.53
CA GLN D 22 8.58 6.19 -53.31
C GLN D 22 7.54 5.16 -52.89
N ALA D 23 6.43 5.64 -52.31
CA ALA D 23 5.40 4.75 -51.79
C ALA D 23 4.82 3.82 -52.85
N GLN D 24 4.76 2.53 -52.54
CA GLN D 24 4.14 1.54 -53.40
C GLN D 24 2.63 1.61 -53.25
N GLY D 25 2.18 2.01 -52.06
CA GLY D 25 0.76 2.07 -51.77
C GLY D 25 0.44 3.02 -50.63
N VAL D 26 -0.84 3.30 -50.45
CA VAL D 26 -1.32 4.15 -49.37
C VAL D 26 -2.51 3.52 -48.66
N LEU D 27 -2.47 3.59 -47.34
CA LEU D 27 -3.52 3.01 -46.52
C LEU D 27 -4.32 4.13 -45.87
N PHE D 28 -5.62 4.15 -46.09
CA PHE D 28 -6.47 5.22 -45.61
C PHE D 28 -7.49 4.75 -44.60
N ASP D 29 -7.55 5.45 -43.47
CA ASP D 29 -8.73 5.40 -42.62
C ASP D 29 -9.81 6.20 -43.34
N CYS D 30 -11.08 5.85 -43.09
CA CYS D 30 -12.17 6.49 -43.81
C CYS D 30 -12.71 7.72 -43.06
N ASP D 31 -13.15 7.50 -41.83
CA ASP D 31 -13.76 8.58 -41.07
C ASP D 31 -12.70 9.58 -40.60
N GLY D 32 -12.93 10.85 -40.94
CA GLY D 32 -12.02 11.92 -40.56
C GLY D 32 -10.89 12.17 -41.54
N VAL D 33 -10.85 11.37 -42.60
CA VAL D 33 -9.76 11.45 -43.57
C VAL D 33 -10.31 11.72 -44.97
N LEU D 34 -11.20 10.85 -45.41
CA LEU D 34 -11.85 11.01 -46.71
C LEU D 34 -13.14 11.80 -46.57
N TRP D 35 -13.75 11.74 -45.39
CA TRP D 35 -15.02 12.42 -45.19
C TRP D 35 -15.40 12.59 -43.72
N ASN D 36 -16.28 13.55 -43.46
CA ASN D 36 -16.93 13.71 -42.17
C ASN D 36 -18.45 13.70 -42.39
N GLY D 37 -19.09 12.57 -42.08
CA GLY D 37 -20.49 12.38 -42.42
C GLY D 37 -20.62 12.23 -43.92
N GLU D 38 -21.64 12.84 -44.50
CA GLU D 38 -21.82 12.78 -45.95
C GLU D 38 -21.13 13.94 -46.67
N ARG D 39 -20.53 14.84 -45.88
CA ARG D 39 -19.76 15.96 -46.42
C ARG D 39 -18.27 15.60 -46.45
N ILE D 40 -17.71 15.50 -47.65
CA ILE D 40 -16.34 15.00 -47.86
C ILE D 40 -15.23 16.06 -47.81
N VAL D 41 -14.01 15.59 -47.55
CA VAL D 41 -12.83 16.46 -47.53
C VAL D 41 -12.42 16.89 -48.94
N PRO D 42 -12.34 18.22 -49.17
CA PRO D 42 -12.01 18.75 -50.50
C PRO D 42 -10.81 18.10 -51.17
N GLY D 43 -11.00 17.63 -52.39
CA GLY D 43 -9.91 17.08 -53.17
C GLY D 43 -9.54 15.65 -52.84
N ALA D 44 -10.28 15.03 -51.94
CA ALA D 44 -10.00 13.64 -51.56
C ALA D 44 -10.24 12.68 -52.72
N PRO D 45 -11.37 12.83 -53.43
CA PRO D 45 -11.64 11.96 -54.58
C PRO D 45 -10.54 12.07 -55.63
N GLU D 46 -10.13 13.30 -55.92
CA GLU D 46 -9.11 13.55 -56.92
C GLU D 46 -7.79 12.92 -56.50
N LEU D 47 -7.50 12.95 -55.21
CA LEU D 47 -6.26 12.37 -54.70
C LEU D 47 -6.18 10.89 -55.06
N LEU D 48 -7.28 10.18 -54.88
CA LEU D 48 -7.31 8.76 -55.17
C LEU D 48 -7.08 8.54 -56.66
N GLN D 49 -7.77 9.32 -57.48
CA GLN D 49 -7.60 9.25 -58.93
C GLN D 49 -6.12 9.34 -59.28
N ARG D 50 -5.42 10.31 -58.70
CA ARG D 50 -4.04 10.55 -59.04
C ARG D 50 -3.13 9.47 -58.45
N LEU D 51 -3.51 8.96 -57.28
CA LEU D 51 -2.76 7.85 -56.67
C LEU D 51 -2.88 6.62 -57.56
N ALA D 52 -4.08 6.38 -58.08
CA ALA D 52 -4.31 5.26 -58.97
C ALA D 52 -3.46 5.38 -60.23
N ARG D 53 -3.51 6.54 -60.87
CA ARG D 53 -2.79 6.77 -62.12
C ARG D 53 -1.28 6.79 -61.90
N ALA D 54 -0.86 7.16 -60.69
CA ALA D 54 0.54 7.13 -60.34
C ALA D 54 1.04 5.69 -60.23
N GLY D 55 0.10 4.75 -60.24
CA GLY D 55 0.44 3.33 -60.16
C GLY D 55 0.58 2.87 -58.73
N LYS D 56 -0.09 3.58 -57.82
CA LYS D 56 -0.01 3.27 -56.40
C LYS D 56 -1.28 2.58 -55.91
N ASN D 57 -1.09 1.47 -55.21
CA ASN D 57 -2.22 0.75 -54.62
C ASN D 57 -2.77 1.51 -53.43
N THR D 58 -4.06 1.78 -53.44
CA THR D 58 -4.71 2.42 -52.31
C THR D 58 -5.67 1.43 -51.65
N LEU D 59 -5.54 1.30 -50.33
CA LEU D 59 -6.42 0.45 -49.56
C LEU D 59 -7.09 1.27 -48.48
N PHE D 60 -8.22 0.80 -48.00
CA PHE D 60 -9.00 1.54 -47.02
C PHE D 60 -9.32 0.65 -45.84
N VAL D 61 -9.05 1.15 -44.64
CA VAL D 61 -9.23 0.39 -43.42
C VAL D 61 -10.18 1.12 -42.49
N SER D 62 -11.07 0.37 -41.86
CA SER D 62 -12.08 0.97 -41.01
C SER D 62 -12.37 0.05 -39.82
N ASN D 63 -12.56 0.65 -38.66
CA ASN D 63 -12.93 -0.12 -37.47
C ASN D 63 -14.43 -0.27 -37.39
N ASN D 64 -15.13 0.25 -38.38
CA ASN D 64 -16.57 0.13 -38.42
C ASN D 64 -16.93 -1.34 -38.37
N SER D 65 -17.96 -1.66 -37.59
CA SER D 65 -18.40 -3.04 -37.45
C SER D 65 -19.91 -3.11 -37.62
N ARG D 66 -20.50 -2.00 -38.06
CA ARG D 66 -21.95 -1.93 -38.13
C ARG D 66 -22.51 -2.14 -39.53
N ARG D 67 -21.75 -1.77 -40.56
CA ARG D 67 -22.26 -1.84 -41.93
C ARG D 67 -21.24 -2.45 -42.90
N ALA D 68 -21.72 -3.36 -43.74
CA ALA D 68 -20.88 -4.27 -44.51
C ALA D 68 -20.20 -3.71 -45.77
N ARG D 69 -19.36 -4.56 -46.36
CA ARG D 69 -18.54 -4.20 -47.52
C ARG D 69 -19.35 -3.64 -48.67
N PRO D 70 -20.43 -4.34 -49.05
CA PRO D 70 -21.28 -3.83 -50.14
C PRO D 70 -21.77 -2.42 -49.85
N GLU D 71 -22.42 -2.24 -48.71
CA GLU D 71 -22.99 -0.96 -48.35
C GLU D 71 -21.91 0.11 -48.12
N LEU D 72 -20.68 -0.32 -47.88
CA LEU D 72 -19.57 0.61 -47.76
C LEU D 72 -19.09 1.07 -49.13
N ALA D 73 -18.97 0.14 -50.07
CA ALA D 73 -18.59 0.48 -51.43
C ALA D 73 -19.57 1.49 -51.99
N LEU D 74 -20.85 1.26 -51.73
CA LEU D 74 -21.89 2.18 -52.16
C LEU D 74 -21.65 3.56 -51.55
N ARG D 75 -21.34 3.59 -50.26
CA ARG D 75 -21.10 4.85 -49.57
C ARG D 75 -20.03 5.65 -50.31
N PHE D 76 -18.97 4.97 -50.74
CA PHE D 76 -17.92 5.62 -51.51
C PHE D 76 -18.50 6.25 -52.77
N ALA D 77 -19.36 5.51 -53.47
CA ALA D 77 -20.00 6.01 -54.69
C ALA D 77 -20.86 7.22 -54.36
N ARG D 78 -21.65 7.12 -53.30
CA ARG D 78 -22.57 8.19 -52.92
C ARG D 78 -21.80 9.49 -52.71
N LEU D 79 -20.57 9.38 -52.22
CA LEU D 79 -19.77 10.55 -51.87
C LEU D 79 -18.82 10.99 -52.99
N GLY D 80 -18.95 10.38 -54.16
CA GLY D 80 -18.17 10.81 -55.31
C GLY D 80 -16.86 10.07 -55.53
N PHE D 81 -16.69 8.94 -54.87
CA PHE D 81 -15.49 8.13 -55.06
C PHE D 81 -15.80 6.97 -56.01
N ALA D 82 -15.25 7.03 -57.21
CA ALA D 82 -15.58 6.09 -58.27
C ALA D 82 -14.38 5.25 -58.68
N GLY D 83 -14.65 4.14 -59.37
CA GLY D 83 -13.61 3.25 -59.82
C GLY D 83 -13.00 2.49 -58.65
N LEU D 84 -13.79 2.36 -57.59
CA LEU D 84 -13.31 1.73 -56.37
C LEU D 84 -13.80 0.29 -56.29
N ARG D 85 -12.87 -0.64 -56.11
CA ARG D 85 -13.21 -2.04 -55.98
C ARG D 85 -13.44 -2.41 -54.51
N ALA D 86 -14.40 -3.29 -54.28
CA ALA D 86 -14.71 -3.74 -52.92
C ALA D 86 -13.52 -4.46 -52.28
N GLU D 87 -12.66 -5.02 -53.12
CA GLU D 87 -11.48 -5.75 -52.65
C GLU D 87 -10.50 -4.85 -51.90
N GLN D 88 -10.65 -3.53 -52.06
CA GLN D 88 -9.79 -2.56 -51.38
C GLN D 88 -10.29 -2.19 -49.99
N LEU D 89 -11.49 -2.65 -49.64
CA LEU D 89 -12.13 -2.28 -48.39
C LEU D 89 -11.90 -3.31 -47.29
N PHE D 90 -11.42 -2.84 -46.14
CA PHE D 90 -11.21 -3.73 -45.00
C PHE D 90 -11.81 -3.15 -43.71
N SER D 91 -12.89 -3.78 -43.24
CA SER D 91 -13.51 -3.38 -41.98
C SER D 91 -13.17 -4.38 -40.89
N SER D 92 -13.35 -4.00 -39.63
CA SER D 92 -13.09 -4.89 -38.51
C SER D 92 -14.00 -6.11 -38.59
N ALA D 93 -15.23 -5.92 -39.06
CA ALA D 93 -16.18 -7.01 -39.20
C ALA D 93 -15.70 -8.02 -40.24
N LEU D 94 -15.22 -7.50 -41.38
CA LEU D 94 -14.71 -8.38 -42.43
C LEU D 94 -13.55 -9.20 -41.88
N CYS D 95 -12.59 -8.51 -41.29
CA CYS D 95 -11.37 -9.16 -40.83
C CYS D 95 -11.64 -10.06 -39.64
N ALA D 96 -12.71 -9.76 -38.89
CA ALA D 96 -13.13 -10.64 -37.81
C ALA D 96 -13.60 -11.97 -38.39
N ALA D 97 -14.42 -11.90 -39.43
CA ALA D 97 -14.89 -13.11 -40.10
C ALA D 97 -13.71 -13.90 -40.62
N ARG D 98 -12.74 -13.20 -41.20
CA ARG D 98 -11.55 -13.82 -41.77
C ARG D 98 -10.74 -14.55 -40.69
N LEU D 99 -10.71 -13.99 -39.49
CA LEU D 99 -9.99 -14.62 -38.37
C LEU D 99 -10.67 -15.92 -37.99
N LEU D 100 -11.98 -15.87 -37.77
CA LEU D 100 -12.73 -17.06 -37.39
C LEU D 100 -12.61 -18.19 -38.42
N ARG D 101 -12.70 -17.86 -39.70
CA ARG D 101 -12.57 -18.88 -40.72
C ARG D 101 -11.23 -19.62 -40.61
N GLN D 102 -10.16 -18.87 -40.37
CA GLN D 102 -8.82 -19.46 -40.20
C GLN D 102 -8.73 -20.28 -38.92
N ARG D 103 -9.32 -19.76 -37.84
CA ARG D 103 -9.26 -20.43 -36.54
C ARG D 103 -10.17 -21.64 -36.48
N LEU D 104 -11.34 -21.52 -37.10
CA LEU D 104 -12.34 -22.57 -37.11
C LEU D 104 -12.18 -23.41 -38.37
N ALA D 105 -10.92 -23.64 -38.75
CA ALA D 105 -10.58 -24.33 -39.99
C ALA D 105 -11.38 -25.61 -40.17
N GLY D 106 -10.89 -26.70 -39.58
CA GLY D 106 -11.48 -28.00 -39.79
C GLY D 106 -12.68 -28.27 -38.91
N VAL D 107 -13.38 -27.21 -38.50
CA VAL D 107 -14.56 -27.38 -37.67
C VAL D 107 -15.81 -27.33 -38.55
N PRO D 108 -16.67 -28.34 -38.43
CA PRO D 108 -17.91 -28.41 -39.23
C PRO D 108 -19.04 -27.60 -38.59
N ASP D 109 -19.84 -26.94 -39.43
CA ASP D 109 -20.95 -26.14 -38.93
C ASP D 109 -20.48 -25.18 -37.84
N PRO D 110 -19.49 -24.34 -38.15
CA PRO D 110 -18.95 -23.39 -37.18
C PRO D 110 -19.99 -22.35 -36.78
N LYS D 111 -20.14 -22.12 -35.47
CA LYS D 111 -21.14 -21.19 -34.98
C LYS D 111 -20.48 -20.15 -34.10
N ALA D 112 -20.99 -18.91 -34.12
CA ALA D 112 -20.48 -17.87 -33.24
C ALA D 112 -21.62 -17.10 -32.58
N TYR D 113 -21.46 -16.79 -31.30
CA TYR D 113 -22.37 -15.90 -30.61
C TYR D 113 -21.90 -14.49 -30.87
N VAL D 114 -22.79 -13.67 -31.42
CA VAL D 114 -22.40 -12.34 -31.90
C VAL D 114 -23.15 -11.24 -31.18
N LEU D 115 -22.42 -10.45 -30.39
CA LEU D 115 -22.94 -9.23 -29.81
C LEU D 115 -22.59 -8.11 -30.77
N GLY D 116 -23.39 -7.96 -31.82
CA GLY D 116 -23.08 -6.99 -32.84
C GLY D 116 -24.18 -6.81 -33.87
N SER D 117 -23.79 -6.25 -35.02
CA SER D 117 -24.74 -5.84 -36.04
C SER D 117 -25.01 -6.96 -37.05
N PRO D 118 -26.11 -6.83 -37.79
CA PRO D 118 -26.44 -7.73 -38.90
C PRO D 118 -25.33 -7.81 -39.95
N ALA D 119 -24.60 -6.70 -40.13
CA ALA D 119 -23.47 -6.67 -41.06
C ALA D 119 -22.39 -7.64 -40.61
N LEU D 120 -21.96 -7.50 -39.36
CA LEU D 120 -20.98 -8.39 -38.77
C LEU D 120 -21.40 -9.85 -38.98
N ALA D 121 -22.68 -10.11 -38.79
CA ALA D 121 -23.22 -11.45 -39.00
C ALA D 121 -23.04 -11.85 -40.47
N ALA D 122 -23.31 -10.91 -41.37
CA ALA D 122 -23.20 -11.17 -42.79
C ALA D 122 -21.76 -11.52 -43.17
N GLU D 123 -20.80 -10.79 -42.62
CA GLU D 123 -19.40 -11.06 -42.91
C GLU D 123 -19.02 -12.45 -42.40
N LEU D 124 -19.62 -12.86 -41.29
CA LEU D 124 -19.40 -14.21 -40.77
C LEU D 124 -20.07 -15.23 -41.69
N GLU D 125 -21.29 -14.90 -42.12
CA GLU D 125 -22.08 -15.82 -42.95
C GLU D 125 -21.45 -15.96 -44.33
N ALA D 126 -20.64 -14.98 -44.73
CA ALA D 126 -19.96 -15.05 -46.01
C ALA D 126 -18.78 -16.00 -45.97
N VAL D 127 -18.23 -16.23 -44.78
CA VAL D 127 -17.08 -17.11 -44.63
C VAL D 127 -17.50 -18.49 -44.16
N GLY D 128 -18.81 -18.70 -44.02
CA GLY D 128 -19.32 -20.02 -43.67
C GLY D 128 -19.68 -20.16 -42.21
N VAL D 129 -19.47 -19.10 -41.44
CA VAL D 129 -19.77 -19.14 -40.00
C VAL D 129 -21.17 -18.61 -39.73
N THR D 130 -22.03 -19.48 -39.21
CA THR D 130 -23.39 -19.10 -38.83
C THR D 130 -23.37 -18.26 -37.55
N SER D 131 -24.39 -17.44 -37.36
CA SER D 131 -24.38 -16.47 -36.29
C SER D 131 -25.66 -16.50 -35.47
N VAL D 132 -25.52 -16.15 -34.20
CA VAL D 132 -26.65 -15.99 -33.31
C VAL D 132 -26.33 -14.86 -32.33
N GLY D 133 -27.36 -14.22 -31.80
CA GLY D 133 -27.18 -13.20 -30.78
C GLY D 133 -27.45 -11.79 -31.28
N VAL D 134 -27.45 -11.61 -32.58
CA VAL D 134 -27.74 -10.30 -33.15
C VAL D 134 -29.16 -9.91 -32.80
N GLY D 135 -29.34 -8.63 -32.47
CA GLY D 135 -30.65 -8.13 -32.09
C GLY D 135 -30.74 -7.93 -30.58
N PRO D 136 -31.92 -7.49 -30.11
CA PRO D 136 -32.15 -7.25 -28.68
C PRO D 136 -32.24 -8.54 -27.89
N ASP D 137 -31.62 -8.56 -26.71
CA ASP D 137 -31.77 -9.68 -25.79
C ASP D 137 -32.09 -9.14 -24.40
N VAL D 138 -33.35 -8.78 -24.19
CA VAL D 138 -33.79 -8.21 -22.92
C VAL D 138 -33.75 -9.28 -21.82
N LEU D 139 -33.60 -8.85 -20.58
CA LEU D 139 -33.43 -9.79 -19.48
C LEU D 139 -34.74 -10.37 -18.98
N HIS D 140 -34.89 -11.67 -19.18
CA HIS D 140 -36.03 -12.44 -18.69
C HIS D 140 -35.67 -13.22 -17.42
N GLY D 141 -36.56 -13.21 -16.45
CA GLY D 141 -36.31 -13.91 -15.20
C GLY D 141 -36.21 -12.98 -14.02
N ASP D 142 -36.43 -13.54 -12.83
CA ASP D 142 -36.38 -12.78 -11.59
C ASP D 142 -34.92 -12.57 -11.22
N GLY D 143 -34.17 -13.65 -11.10
CA GLY D 143 -32.80 -13.59 -10.64
C GLY D 143 -31.89 -14.55 -11.40
N PRO D 144 -30.64 -14.68 -10.94
CA PRO D 144 -29.57 -15.46 -11.57
C PRO D 144 -29.97 -16.88 -12.01
N SER D 145 -30.65 -17.62 -11.14
CA SER D 145 -31.00 -19.01 -11.47
C SER D 145 -31.81 -19.06 -12.77
N ASP D 146 -32.60 -18.03 -13.02
CA ASP D 146 -33.40 -17.96 -14.24
C ASP D 146 -32.53 -17.60 -15.44
N TRP D 147 -31.63 -16.64 -15.24
CA TRP D 147 -30.76 -16.15 -16.30
C TRP D 147 -29.83 -17.26 -16.79
N LEU D 148 -29.40 -18.10 -15.86
CA LEU D 148 -28.42 -19.16 -16.15
C LEU D 148 -29.08 -20.43 -16.69
N ALA D 149 -30.41 -20.46 -16.69
CA ALA D 149 -31.13 -21.63 -17.18
C ALA D 149 -31.60 -21.44 -18.63
N VAL D 150 -31.31 -20.29 -19.23
CA VAL D 150 -31.67 -20.02 -20.61
C VAL D 150 -30.87 -20.92 -21.55
N PRO D 151 -31.57 -21.72 -22.37
CA PRO D 151 -30.85 -22.65 -23.25
C PRO D 151 -30.04 -21.94 -24.34
N LEU D 152 -28.78 -22.36 -24.50
CA LEU D 152 -27.87 -21.73 -25.45
C LEU D 152 -27.64 -22.62 -26.67
N GLU D 153 -26.80 -22.16 -27.59
CA GLU D 153 -26.40 -22.93 -28.76
C GLU D 153 -25.20 -23.82 -28.47
N PRO D 154 -25.35 -25.14 -28.69
CA PRO D 154 -24.28 -26.08 -28.34
C PRO D 154 -23.09 -25.98 -29.28
N ASP D 155 -23.34 -25.56 -30.52
CA ASP D 155 -22.30 -25.55 -31.55
C ASP D 155 -21.46 -24.27 -31.52
N VAL D 156 -21.77 -23.36 -30.60
CA VAL D 156 -21.04 -22.10 -30.51
C VAL D 156 -19.55 -22.34 -30.24
N ARG D 157 -18.72 -21.82 -31.14
CA ARG D 157 -17.27 -21.97 -31.05
C ARG D 157 -16.57 -20.63 -30.93
N ALA D 158 -17.33 -19.55 -30.81
CA ALA D 158 -16.73 -18.23 -30.65
C ALA D 158 -17.73 -17.19 -30.12
N VAL D 159 -17.22 -16.28 -29.30
CA VAL D 159 -17.98 -15.10 -28.93
C VAL D 159 -17.37 -13.90 -29.66
N VAL D 160 -18.19 -13.22 -30.46
CA VAL D 160 -17.70 -12.08 -31.21
C VAL D 160 -18.39 -10.80 -30.73
N VAL D 161 -17.62 -9.92 -30.12
CA VAL D 161 -18.14 -8.65 -29.64
C VAL D 161 -17.81 -7.55 -30.64
N GLY D 162 -18.84 -7.05 -31.31
CA GLY D 162 -18.69 -5.88 -32.17
C GLY D 162 -19.43 -4.73 -31.53
N PHE D 163 -19.82 -3.74 -32.33
CA PHE D 163 -20.62 -2.67 -31.80
C PHE D 163 -22.04 -3.19 -31.72
N ASP D 164 -22.64 -3.07 -30.54
CA ASP D 164 -23.96 -3.62 -30.31
C ASP D 164 -24.77 -2.70 -29.41
N PRO D 165 -25.71 -1.94 -30.00
CA PRO D 165 -26.55 -1.03 -29.22
C PRO D 165 -27.59 -1.78 -28.41
N HIS D 166 -27.65 -3.09 -28.64
CA HIS D 166 -28.55 -3.96 -27.92
C HIS D 166 -27.80 -4.74 -26.83
N PHE D 167 -26.55 -4.36 -26.60
CA PHE D 167 -25.75 -4.96 -25.54
C PHE D 167 -26.49 -4.86 -24.22
N SER D 168 -26.59 -5.99 -23.52
CA SER D 168 -27.29 -6.02 -22.26
C SER D 168 -26.60 -6.95 -21.29
N TYR D 169 -27.01 -6.90 -20.02
CA TYR D 169 -26.45 -7.78 -19.02
C TYR D 169 -26.77 -9.22 -19.40
N MET D 170 -27.89 -9.40 -20.08
CA MET D 170 -28.30 -10.72 -20.55
C MET D 170 -27.30 -11.26 -21.57
N LYS D 171 -26.92 -10.43 -22.53
CA LYS D 171 -25.92 -10.85 -23.52
C LYS D 171 -24.58 -11.08 -22.86
N LEU D 172 -24.25 -10.24 -21.87
CA LEU D 172 -23.00 -10.39 -21.15
C LEU D 172 -22.98 -11.76 -20.48
N THR D 173 -24.13 -12.16 -19.96
CA THR D 173 -24.25 -13.43 -19.26
C THR D 173 -24.05 -14.60 -20.23
N LYS D 174 -24.76 -14.56 -21.35
CA LYS D 174 -24.66 -15.63 -22.34
C LYS D 174 -23.22 -15.79 -22.83
N ALA D 175 -22.57 -14.67 -23.10
CA ALA D 175 -21.19 -14.67 -23.57
C ALA D 175 -20.28 -15.34 -22.55
N VAL D 176 -20.46 -14.98 -21.28
CA VAL D 176 -19.67 -15.55 -20.20
C VAL D 176 -19.91 -17.05 -20.08
N ARG D 177 -21.17 -17.46 -20.21
CA ARG D 177 -21.52 -18.88 -20.15
C ARG D 177 -20.84 -19.65 -21.29
N TYR D 178 -20.94 -19.10 -22.51
CA TYR D 178 -20.30 -19.71 -23.67
C TYR D 178 -18.80 -19.84 -23.44
N LEU D 179 -18.22 -18.83 -22.80
CA LEU D 179 -16.78 -18.77 -22.62
C LEU D 179 -16.30 -19.66 -21.48
N GLN D 180 -17.23 -20.32 -20.80
CA GLN D 180 -16.85 -21.27 -19.77
C GLN D 180 -16.15 -22.48 -20.41
N GLN D 181 -16.47 -22.75 -21.68
CA GLN D 181 -15.68 -23.70 -22.45
C GLN D 181 -14.38 -23.04 -22.89
N PRO D 182 -13.24 -23.52 -22.36
CA PRO D 182 -11.96 -22.85 -22.62
C PRO D 182 -11.63 -22.78 -24.11
N ASP D 183 -12.02 -23.82 -24.85
CA ASP D 183 -11.76 -23.91 -26.28
C ASP D 183 -12.46 -22.81 -27.08
N CYS D 184 -13.53 -22.27 -26.51
CA CYS D 184 -14.29 -21.22 -27.18
C CYS D 184 -13.46 -19.95 -27.37
N LEU D 185 -13.70 -19.26 -28.48
CA LEU D 185 -12.92 -18.08 -28.82
C LEU D 185 -13.63 -16.82 -28.40
N LEU D 186 -12.86 -15.80 -28.07
CA LEU D 186 -13.39 -14.48 -27.80
C LEU D 186 -12.74 -13.46 -28.72
N VAL D 187 -13.55 -12.82 -29.55
CA VAL D 187 -13.04 -11.85 -30.50
C VAL D 187 -13.70 -10.50 -30.30
N GLY D 188 -12.89 -9.45 -30.30
CA GLY D 188 -13.40 -8.09 -30.25
C GLY D 188 -13.05 -7.37 -31.52
N THR D 189 -14.04 -6.77 -32.18
CA THR D 189 -13.82 -6.09 -33.46
C THR D 189 -12.87 -4.92 -33.32
N ASN D 190 -13.00 -4.18 -32.22
CA ASN D 190 -12.08 -3.09 -31.91
C ASN D 190 -12.20 -2.71 -30.44
N MET D 191 -11.22 -1.99 -29.93
CA MET D 191 -11.19 -1.63 -28.51
C MET D 191 -11.48 -0.15 -28.26
N ASP D 192 -12.10 0.52 -29.22
CA ASP D 192 -12.36 1.95 -29.10
C ASP D 192 -13.34 2.25 -27.95
N ASN D 193 -12.97 3.23 -27.12
CA ASN D 193 -13.82 3.61 -25.99
C ASN D 193 -15.03 4.44 -26.46
N ARG D 194 -14.87 5.10 -27.60
CA ARG D 194 -15.92 5.97 -28.13
C ARG D 194 -16.13 5.75 -29.63
N LEU D 195 -17.39 5.87 -30.06
CA LEU D 195 -17.71 5.88 -31.49
C LEU D 195 -17.99 7.32 -31.92
N PRO D 196 -17.06 7.92 -32.68
CA PRO D 196 -17.28 9.30 -33.14
C PRO D 196 -18.52 9.43 -34.00
N LEU D 197 -19.27 10.51 -33.82
CA LEU D 197 -20.47 10.74 -34.61
C LEU D 197 -20.27 11.95 -35.51
N GLU D 198 -21.23 12.16 -36.43
CA GLU D 198 -21.06 13.12 -37.51
C GLU D 198 -20.66 14.53 -37.08
N ASN D 199 -21.41 15.15 -36.17
CA ASN D 199 -21.18 16.56 -35.83
C ASN D 199 -20.37 16.79 -34.55
N GLY D 200 -19.37 15.95 -34.32
CA GLY D 200 -18.51 16.11 -33.16
C GLY D 200 -19.03 15.40 -31.92
N ARG D 201 -20.22 14.82 -32.03
CA ARG D 201 -20.77 14.04 -30.94
C ARG D 201 -20.08 12.69 -30.88
N PHE D 202 -20.44 11.88 -29.89
CA PHE D 202 -19.95 10.52 -29.77
C PHE D 202 -20.87 9.71 -28.90
N ILE D 203 -20.69 8.40 -28.96
CA ILE D 203 -21.39 7.49 -28.07
C ILE D 203 -20.38 6.43 -27.65
N ALA D 204 -20.76 5.59 -26.68
CA ALA D 204 -19.87 4.57 -26.14
C ALA D 204 -19.35 3.69 -27.27
N GLY D 205 -18.05 3.41 -27.24
CA GLY D 205 -17.41 2.60 -28.26
C GLY D 205 -17.39 1.12 -27.91
N THR D 206 -17.19 0.30 -28.94
CA THR D 206 -17.21 -1.14 -28.82
C THR D 206 -16.30 -1.67 -27.70
N GLY D 207 -15.16 -1.03 -27.49
CA GLY D 207 -14.21 -1.45 -26.48
C GLY D 207 -14.77 -1.50 -25.07
N CYS D 208 -15.85 -0.74 -24.82
CA CYS D 208 -16.50 -0.76 -23.52
C CYS D 208 -17.20 -2.11 -23.34
N LEU D 209 -17.83 -2.56 -24.41
CA LEU D 209 -18.57 -3.82 -24.39
C LEU D 209 -17.59 -4.98 -24.34
N VAL D 210 -16.50 -4.85 -25.08
CA VAL D 210 -15.50 -5.91 -25.14
C VAL D 210 -14.86 -6.06 -23.77
N ARG D 211 -14.43 -4.95 -23.18
CA ARG D 211 -13.72 -4.99 -21.91
C ARG D 211 -14.59 -5.60 -20.81
N ALA D 212 -15.89 -5.36 -20.88
CA ALA D 212 -16.81 -5.92 -19.89
C ALA D 212 -16.82 -7.44 -19.98
N VAL D 213 -16.97 -7.96 -21.19
CA VAL D 213 -16.97 -9.40 -21.39
C VAL D 213 -15.64 -10.00 -20.97
N GLU D 214 -14.55 -9.31 -21.29
CA GLU D 214 -13.23 -9.76 -20.89
C GLU D 214 -13.14 -9.90 -19.38
N MET D 215 -13.61 -8.88 -18.67
CA MET D 215 -13.53 -8.88 -17.20
C MET D 215 -14.34 -10.04 -16.61
N ALA D 216 -15.59 -10.16 -17.03
CA ALA D 216 -16.47 -11.22 -16.51
C ALA D 216 -15.89 -12.60 -16.83
N ALA D 217 -15.48 -12.77 -18.09
CA ALA D 217 -14.94 -14.05 -18.54
C ALA D 217 -13.46 -14.20 -18.20
N GLN D 218 -12.87 -13.13 -17.68
CA GLN D 218 -11.46 -13.14 -17.32
C GLN D 218 -10.61 -13.67 -18.47
N ARG D 219 -10.73 -13.00 -19.61
CA ARG D 219 -10.01 -13.38 -20.82
C ARG D 219 -9.42 -12.17 -21.53
N GLN D 220 -8.35 -12.39 -22.27
CA GLN D 220 -7.84 -11.38 -23.18
C GLN D 220 -8.37 -11.69 -24.57
N ALA D 221 -9.32 -10.88 -25.04
CA ALA D 221 -9.93 -11.08 -26.34
C ALA D 221 -8.96 -10.79 -27.47
N ASP D 222 -9.14 -11.49 -28.59
CA ASP D 222 -8.39 -11.18 -29.80
C ASP D 222 -9.04 -9.99 -30.49
N ILE D 223 -8.30 -8.89 -30.62
CA ILE D 223 -8.83 -7.68 -31.23
C ILE D 223 -8.46 -7.58 -32.71
N ILE D 224 -9.44 -7.20 -33.53
CA ILE D 224 -9.27 -7.17 -34.98
C ILE D 224 -8.83 -5.79 -35.47
N GLY D 225 -9.63 -4.79 -35.17
CA GLY D 225 -9.47 -3.45 -35.72
C GLY D 225 -8.25 -2.71 -35.22
N LYS D 226 -7.94 -1.60 -35.90
CA LYS D 226 -6.83 -0.73 -35.53
C LYS D 226 -7.02 -0.29 -34.08
N PRO D 227 -5.93 -0.15 -33.33
CA PRO D 227 -4.54 -0.31 -33.74
C PRO D 227 -4.00 -1.74 -33.64
N SER D 228 -4.88 -2.74 -33.63
CA SER D 228 -4.41 -4.13 -33.58
C SER D 228 -3.76 -4.53 -34.91
N PRO D 229 -2.52 -5.03 -34.85
CA PRO D 229 -1.80 -5.43 -36.06
C PRO D 229 -2.54 -6.45 -36.93
N TYR D 230 -3.55 -7.12 -36.41
CA TYR D 230 -4.24 -8.13 -37.21
C TYR D 230 -4.92 -7.49 -38.42
N MET D 231 -5.32 -6.23 -38.27
CA MET D 231 -5.93 -5.51 -39.38
C MET D 231 -4.99 -5.57 -40.58
N PHE D 232 -3.69 -5.45 -40.31
CA PHE D 232 -2.66 -5.55 -41.34
C PHE D 232 -2.56 -6.99 -41.82
N GLN D 233 -2.57 -7.93 -40.88
CA GLN D 233 -2.59 -9.36 -41.19
C GLN D 233 -3.71 -9.66 -42.16
N CYS D 234 -4.89 -9.13 -41.86
CA CYS D 234 -6.06 -9.31 -42.70
C CYS D 234 -5.79 -8.80 -44.11
N ILE D 235 -5.08 -7.68 -44.20
CA ILE D 235 -4.76 -7.08 -45.49
C ILE D 235 -3.68 -7.84 -46.26
N THR D 236 -2.60 -8.21 -45.57
CA THR D 236 -1.46 -8.83 -46.23
C THR D 236 -1.77 -10.23 -46.74
N GLU D 237 -2.88 -10.80 -46.30
CA GLU D 237 -3.34 -12.08 -46.80
C GLU D 237 -3.91 -11.94 -48.21
N ASP D 238 -4.42 -10.75 -48.50
CA ASP D 238 -5.07 -10.47 -49.79
C ASP D 238 -4.10 -9.73 -50.71
N PHE D 239 -3.35 -8.80 -50.13
CA PHE D 239 -2.45 -7.94 -50.89
C PHE D 239 -1.01 -8.08 -50.42
N SER D 240 -0.06 -7.94 -51.35
CA SER D 240 1.35 -7.89 -50.98
C SER D 240 1.69 -6.45 -50.60
N VAL D 241 1.82 -6.21 -49.30
CA VAL D 241 2.07 -4.87 -48.80
C VAL D 241 3.39 -4.82 -48.05
N ASP D 242 4.38 -4.24 -48.70
CA ASP D 242 5.67 -3.99 -48.07
C ASP D 242 5.49 -2.75 -47.18
N PRO D 243 5.40 -2.94 -45.85
CA PRO D 243 5.12 -1.81 -44.95
C PRO D 243 6.13 -0.70 -45.08
N ALA D 244 7.35 -1.05 -45.48
CA ALA D 244 8.42 -0.07 -45.65
C ALA D 244 8.13 0.88 -46.80
N ARG D 245 7.30 0.45 -47.75
CA ARG D 245 7.02 1.27 -48.92
C ARG D 245 5.55 1.68 -48.94
N THR D 246 4.89 1.64 -47.78
CA THR D 246 3.47 1.96 -47.71
C THR D 246 3.18 2.99 -46.62
N LEU D 247 2.35 3.98 -46.96
CA LEU D 247 1.98 5.03 -46.02
C LEU D 247 0.67 4.72 -45.33
N MET D 248 0.65 4.91 -44.01
CA MET D 248 -0.59 4.82 -43.24
C MET D 248 -1.09 6.23 -42.96
N VAL D 249 -2.31 6.52 -43.41
CA VAL D 249 -2.88 7.84 -43.23
C VAL D 249 -4.15 7.74 -42.39
N GLY D 250 -4.19 8.53 -41.33
CA GLY D 250 -5.34 8.54 -40.44
C GLY D 250 -5.49 9.86 -39.71
N ASP D 251 -6.67 10.08 -39.14
CA ASP D 251 -6.95 11.30 -38.40
C ASP D 251 -6.67 11.13 -36.90
N ARG D 252 -6.80 9.90 -36.42
CA ARG D 252 -6.70 9.61 -35.00
C ARG D 252 -5.34 9.01 -34.61
N LEU D 253 -4.77 9.53 -33.53
CA LEU D 253 -3.44 9.12 -33.08
C LEU D 253 -3.46 7.78 -32.35
N GLU D 254 -4.51 7.57 -31.55
CA GLU D 254 -4.57 6.40 -30.69
C GLU D 254 -4.97 5.15 -31.46
N THR D 255 -5.49 5.34 -32.68
CA THR D 255 -5.87 4.21 -33.52
C THR D 255 -5.00 4.09 -34.76
N ASP D 256 -5.02 5.14 -35.59
CA ASP D 256 -4.40 5.08 -36.91
C ASP D 256 -2.88 5.13 -36.84
N ILE D 257 -2.35 6.04 -36.04
CA ILE D 257 -0.89 6.22 -35.97
C ILE D 257 -0.24 5.05 -35.24
N LEU D 258 -0.79 4.68 -34.09
CA LEU D 258 -0.29 3.54 -33.35
C LEU D 258 -0.31 2.30 -34.26
N PHE D 259 -1.32 2.22 -35.12
CA PHE D 259 -1.44 1.12 -36.06
C PHE D 259 -0.24 1.09 -37.00
N GLY D 260 0.09 2.26 -37.54
CA GLY D 260 1.23 2.38 -38.44
C GLY D 260 2.54 1.93 -37.80
N HIS D 261 2.82 2.44 -36.61
CA HIS D 261 4.07 2.10 -35.93
C HIS D 261 4.18 0.60 -35.65
N ARG D 262 3.08 -0.02 -35.24
CA ARG D 262 3.10 -1.44 -34.94
C ARG D 262 3.31 -2.28 -36.20
N CYS D 263 2.92 -1.74 -37.35
CA CYS D 263 3.02 -2.46 -38.61
C CYS D 263 4.28 -2.07 -39.38
N GLY D 264 4.98 -1.04 -38.90
CA GLY D 264 6.22 -0.61 -39.52
C GLY D 264 6.01 0.27 -40.72
N MET D 265 4.83 0.86 -40.83
CA MET D 265 4.50 1.77 -41.91
C MET D 265 4.89 3.18 -41.54
N THR D 266 5.25 3.99 -42.53
CA THR D 266 5.46 5.41 -42.32
C THR D 266 4.10 6.09 -42.19
N THR D 267 3.87 6.76 -41.08
CA THR D 267 2.55 7.27 -40.75
C THR D 267 2.42 8.76 -41.08
N VAL D 268 1.24 9.12 -41.57
CA VAL D 268 0.96 10.50 -41.89
C VAL D 268 -0.36 10.89 -41.24
N LEU D 269 -0.27 11.81 -40.29
CA LEU D 269 -1.45 12.30 -39.60
C LEU D 269 -2.04 13.44 -40.41
N THR D 270 -3.33 13.35 -40.68
CA THR D 270 -4.03 14.46 -41.31
C THR D 270 -4.73 15.27 -40.23
N LEU D 271 -4.72 16.59 -40.36
CA LEU D 271 -5.21 17.44 -39.28
C LEU D 271 -6.71 17.73 -39.42
N THR D 272 -7.35 17.04 -40.35
CA THR D 272 -8.79 17.03 -40.46
C THR D 272 -9.24 15.83 -39.64
N GLY D 273 -10.31 15.96 -38.89
CA GLY D 273 -10.76 14.88 -38.03
C GLY D 273 -10.46 15.04 -36.56
N VAL D 274 -10.22 13.91 -35.90
CA VAL D 274 -10.18 13.85 -34.44
C VAL D 274 -8.98 14.54 -33.79
N SER D 275 -7.76 14.13 -34.17
CA SER D 275 -6.55 14.61 -33.51
C SER D 275 -6.08 15.99 -33.95
N SER D 276 -5.36 16.67 -33.06
CA SER D 276 -4.79 17.98 -33.35
C SER D 276 -3.27 17.87 -33.24
N LEU D 277 -2.56 18.79 -33.89
CA LEU D 277 -1.10 18.74 -33.88
C LEU D 277 -0.52 18.93 -32.48
N GLU D 278 -1.14 19.79 -31.69
CA GLU D 278 -0.67 20.04 -30.34
C GLU D 278 -0.55 18.73 -29.56
N GLU D 279 -1.53 17.86 -29.75
CA GLU D 279 -1.56 16.57 -29.05
C GLU D 279 -0.42 15.68 -29.53
N ALA D 280 -0.18 15.69 -30.84
CA ALA D 280 0.88 14.89 -31.43
C ALA D 280 2.23 15.31 -30.88
N GLN D 281 2.48 16.61 -30.87
CA GLN D 281 3.74 17.11 -30.37
C GLN D 281 3.83 16.85 -28.88
N ALA D 282 2.68 16.86 -28.21
CA ALA D 282 2.61 16.58 -26.78
C ALA D 282 3.15 15.18 -26.49
N TYR D 283 2.80 14.22 -27.35
CA TYR D 283 3.33 12.86 -27.23
C TYR D 283 4.84 12.82 -27.49
N LEU D 284 5.27 13.54 -28.52
CA LEU D 284 6.69 13.70 -28.83
C LEU D 284 7.28 14.43 -27.65
N THR D 285 6.50 15.39 -27.18
CA THR D 285 6.85 16.28 -26.10
C THR D 285 6.86 15.50 -24.79
N ALA D 286 6.08 14.42 -24.75
CA ALA D 286 5.91 13.67 -23.52
C ALA D 286 6.74 12.39 -23.41
N GLY D 287 7.34 11.95 -24.51
CA GLY D 287 8.16 10.75 -24.53
C GLY D 287 7.43 9.50 -24.98
N GLN D 288 6.20 9.65 -25.48
CA GLN D 288 5.43 8.50 -25.94
C GLN D 288 5.69 8.28 -27.44
N ARG D 289 6.75 7.54 -27.64
CA ARG D 289 7.47 7.44 -28.90
C ARG D 289 6.60 6.78 -30.00
N ASP D 290 5.60 6.01 -29.58
CA ASP D 290 4.77 5.20 -30.48
C ASP D 290 3.49 5.87 -31.02
N LEU D 291 3.17 7.06 -30.53
CA LEU D 291 1.97 7.79 -31.01
C LEU D 291 2.30 9.11 -31.73
N VAL D 292 3.56 9.32 -32.07
CA VAL D 292 3.96 10.50 -32.82
C VAL D 292 4.04 10.16 -34.31
N PRO D 293 3.25 10.86 -35.15
CA PRO D 293 3.28 10.60 -36.58
C PRO D 293 4.57 11.05 -37.22
N HIS D 294 5.09 10.27 -38.16
CA HIS D 294 6.33 10.61 -38.86
C HIS D 294 6.17 11.96 -39.54
N TYR D 295 5.02 12.14 -40.18
CA TYR D 295 4.72 13.38 -40.87
C TYR D 295 3.28 13.77 -40.60
N TYR D 296 2.92 14.99 -40.93
CA TYR D 296 1.53 15.42 -40.82
C TYR D 296 1.18 16.42 -41.91
N VAL D 297 -0.10 16.45 -42.28
CA VAL D 297 -0.58 17.36 -43.30
C VAL D 297 -1.90 17.95 -42.85
N GLU D 298 -2.18 19.17 -43.29
CA GLU D 298 -3.42 19.85 -42.94
C GLU D 298 -4.61 19.03 -43.44
N SER D 299 -4.46 18.52 -44.66
CA SER D 299 -5.47 17.64 -45.24
C SER D 299 -4.78 16.71 -46.22
N ILE D 300 -5.41 15.59 -46.52
CA ILE D 300 -4.83 14.63 -47.46
C ILE D 300 -4.73 15.23 -48.85
N ALA D 301 -5.46 16.32 -49.09
CA ALA D 301 -5.38 17.04 -50.35
C ALA D 301 -3.97 17.58 -50.60
N ASP D 302 -3.22 17.83 -49.53
CA ASP D 302 -1.86 18.34 -49.63
C ASP D 302 -0.90 17.30 -50.22
N LEU D 303 -1.33 16.05 -50.25
CA LEU D 303 -0.47 14.96 -50.67
C LEU D 303 -0.25 14.92 -52.18
N MET D 304 -1.12 15.57 -52.92
CA MET D 304 -1.08 15.51 -54.38
C MET D 304 0.21 15.98 -55.04
N GLU D 305 0.81 17.07 -54.57
CA GLU D 305 2.00 17.57 -55.23
C GLU D 305 3.18 16.60 -55.08
N GLY D 306 3.02 15.60 -54.22
CA GLY D 306 4.02 14.56 -54.10
C GLY D 306 4.00 13.65 -55.31
N LEU D 307 2.91 13.71 -56.07
CA LEU D 307 2.75 12.90 -57.27
C LEU D 307 3.09 13.71 -58.52
#